data_8P67
#
_entry.id   8P67
#
_cell.length_a   41.203
_cell.length_b   107.129
_cell.length_c   87.781
_cell.angle_alpha   90.00
_cell.angle_beta   95.75
_cell.angle_gamma   90.00
#
_symmetry.space_group_name_H-M   'P 1 21 1'
#
loop_
_entity.id
_entity.type
_entity.pdbx_description
1 polymer 'GH30 family xylanase'
2 branched beta-D-mannopyranose-(1-4)-2-acetamido-2-deoxy-beta-D-glucopyranose-(1-4)-2-acetamido-2-deoxy-beta-D-glucopyranose
3 branched '4-O-methyl-alpha-D-glucopyranuronic acid-(1-2)-beta-D-xylopyranose-(1-4)-beta-D-xylopyranose-(1-4)-beta-D-xylopyranose'
4 branched alpha-D-mannopyranose-(1-3)-beta-D-mannopyranose-(1-4)-2-acetamido-2-deoxy-beta-D-glucopyranose-(1-4)-2-acetamido-2-deoxy-beta-D-glucopyranose
5 non-polymer 1,2-ETHANEDIOL
6 water water
#
_entity_poly.entity_id   1
_entity_poly.type   'polypeptide(L)'
_entity_poly.pdbx_seq_one_letter_code
;SMLQQRQAGTTLTVDLSTTYQRIDGFGTSEAFQRAVQMSRLPEEGQRRALDVLFSTTNGAGLSILRNGIGSSPDMSSDHM
VSIAPKSPGSPNNPLIYSWDGSDNKQLWVSQEAVHTYGVKTIYADAWSAPGYMKTNGNDANGGTLCGLSGAQCASGDWRQ
AYADYLTKYVEFYQESNVTVTHLGFINAPELTTSYASMRFSASQAAEFIRILYPTIQKSNLTYKPTIACCDAEGWNSQAG
MLGALSSVNSMFGLVTAHAYTSQPGFSMNTPHPVWMTAAADLQGAWTSAWYSYGGAGEGWTWANNVYNAIVNGNASAYLY
WIGAQTGNTNSHMVHIDANAGTVEPSKRLWALGQWSRFVRPGARRVAVSGASGSLRTAAFRNEDGSVAVVVINSGGDAAV
NVRLASSSSADQQPASAKAWATDNSRAIEEIQASFADGVATVNVPSRSMTTVVLYPAADALEQKLISEEDLNSAVDHHHH
HH
;
_entity_poly.pdbx_strand_id   A,B
#
# COMPACT_ATOMS: atom_id res chain seq x y z
N GLN A 7 46.83 -22.83 -3.18
CA GLN A 7 46.27 -23.26 -1.86
C GLN A 7 45.82 -24.72 -1.98
N ALA A 8 45.49 -25.38 -0.86
CA ALA A 8 44.95 -26.76 -0.84
C ALA A 8 43.45 -26.70 -1.17
N GLY A 9 43.11 -26.36 -2.41
CA GLY A 9 41.74 -26.04 -2.85
C GLY A 9 41.25 -24.74 -2.24
N THR A 10 40.03 -24.39 -2.57
CA THR A 10 39.31 -23.22 -2.04
C THR A 10 38.53 -23.67 -0.80
N THR A 11 38.72 -23.00 0.32
CA THR A 11 38.00 -23.33 1.56
C THR A 11 36.78 -22.42 1.70
N LEU A 12 35.61 -23.01 1.78
CA LEU A 12 34.36 -22.27 2.04
C LEU A 12 34.00 -22.47 3.50
N THR A 13 33.90 -21.39 4.23
CA THR A 13 33.63 -21.47 5.68
C THR A 13 32.23 -20.89 5.98
N VAL A 14 31.35 -21.70 6.56
CA VAL A 14 29.95 -21.25 6.83
C VAL A 14 29.91 -20.64 8.23
N ASP A 15 29.35 -19.43 8.38
CA ASP A 15 29.19 -18.76 9.69
C ASP A 15 27.72 -18.86 10.06
N LEU A 16 27.37 -19.81 10.91
CA LEU A 16 25.96 -20.06 11.30
C LEU A 16 25.41 -18.92 12.17
N SER A 17 26.27 -18.01 12.64
N SER A 17 26.28 -18.05 12.66
CA SER A 17 25.89 -16.85 13.51
CA SER A 17 25.90 -16.91 13.52
C SER A 17 25.49 -15.63 12.68
C SER A 17 25.31 -15.77 12.68
N THR A 18 25.63 -15.71 11.37
CA THR A 18 25.22 -14.60 10.46
C THR A 18 24.08 -15.13 9.58
N THR A 19 22.86 -14.66 9.83
CA THR A 19 21.63 -15.22 9.24
C THR A 19 21.01 -14.17 8.33
N TYR A 20 20.31 -14.63 7.30
CA TYR A 20 19.51 -13.77 6.39
C TYR A 20 18.05 -14.25 6.40
N GLN A 21 17.46 -14.41 5.23
CA GLN A 21 16.02 -14.75 5.12
C GLN A 21 15.81 -16.26 5.29
N ARG A 22 14.57 -16.63 5.58
CA ARG A 22 14.15 -18.05 5.60
C ARG A 22 13.82 -18.43 4.16
N ILE A 23 14.08 -19.67 3.79
CA ILE A 23 13.63 -20.23 2.50
C ILE A 23 12.39 -21.10 2.74
N ASP A 24 11.28 -20.74 2.09
CA ASP A 24 10.01 -21.50 2.16
C ASP A 24 10.00 -22.62 1.13
N GLY A 25 10.75 -22.45 0.04
CA GLY A 25 10.92 -23.57 -0.90
C GLY A 25 10.97 -23.15 -2.35
N PHE A 26 10.71 -24.13 -3.22
CA PHE A 26 10.90 -24.02 -4.68
C PHE A 26 9.77 -24.78 -5.32
N GLY A 27 9.28 -24.28 -6.45
CA GLY A 27 8.14 -24.99 -7.06
C GLY A 27 7.77 -24.49 -8.42
N THR A 28 6.50 -24.72 -8.76
CA THR A 28 5.96 -24.41 -10.11
C THR A 28 4.45 -24.54 -10.07
N SER A 29 3.85 -24.45 -11.25
CA SER A 29 2.39 -24.52 -11.44
C SER A 29 2.06 -25.53 -12.53
N GLU A 30 0.83 -25.98 -12.50
CA GLU A 30 0.19 -26.76 -13.60
C GLU A 30 -1.16 -26.11 -13.96
N ALA A 31 -1.25 -24.80 -13.81
CA ALA A 31 -2.46 -24.02 -14.18
C ALA A 31 -2.71 -24.09 -15.69
N PHE A 32 -3.87 -23.54 -16.08
CA PHE A 32 -4.30 -23.41 -17.48
C PHE A 32 -4.24 -24.77 -18.17
N GLN A 33 -4.75 -25.78 -17.49
CA GLN A 33 -4.92 -27.14 -18.04
C GLN A 33 -3.59 -27.82 -18.34
N ARG A 34 -2.46 -27.29 -17.86
CA ARG A 34 -1.20 -28.08 -17.97
C ARG A 34 -1.36 -29.37 -17.17
N ALA A 35 -2.10 -29.34 -16.06
CA ALA A 35 -2.41 -30.53 -15.24
C ALA A 35 -3.27 -31.51 -16.03
N VAL A 36 -4.09 -30.99 -16.93
CA VAL A 36 -4.92 -31.88 -17.80
C VAL A 36 -4.01 -32.59 -18.78
N GLN A 37 -3.03 -31.89 -19.38
CA GLN A 37 -2.03 -32.51 -20.28
C GLN A 37 -1.32 -33.65 -19.56
N MET A 38 -0.93 -33.45 -18.31
CA MET A 38 -0.27 -34.52 -17.53
C MET A 38 -1.23 -35.71 -17.35
N SER A 39 -2.51 -35.43 -17.08
CA SER A 39 -3.52 -36.46 -16.77
C SER A 39 -3.74 -37.34 -17.99
N ARG A 40 -3.44 -36.87 -19.20
CA ARG A 40 -3.76 -37.63 -20.44
C ARG A 40 -2.68 -38.67 -20.70
N LEU A 41 -1.53 -38.57 -20.06
CA LEU A 41 -0.41 -39.51 -20.31
C LEU A 41 -0.81 -40.92 -19.88
N PRO A 42 -0.16 -41.98 -20.42
CA PRO A 42 -0.25 -43.30 -19.80
C PRO A 42 0.19 -43.24 -18.32
N GLU A 43 -0.27 -44.16 -17.46
CA GLU A 43 -0.01 -44.12 -15.99
C GLU A 43 1.50 -43.97 -15.74
N GLU A 44 2.35 -44.64 -16.54
CA GLU A 44 3.82 -44.59 -16.34
C GLU A 44 4.35 -43.18 -16.66
N GLY A 45 3.84 -42.54 -17.72
CA GLY A 45 4.18 -41.13 -18.03
C GLY A 45 3.70 -40.20 -16.94
N GLN A 46 2.48 -40.36 -16.46
CA GLN A 46 1.95 -39.59 -15.31
C GLN A 46 2.94 -39.72 -14.15
N ARG A 47 3.32 -40.94 -13.79
CA ARG A 47 4.16 -41.13 -12.58
C ARG A 47 5.52 -40.49 -12.82
N ARG A 48 6.07 -40.61 -14.02
CA ARG A 48 7.41 -40.02 -14.29
C ARG A 48 7.32 -38.49 -14.19
N ALA A 49 6.29 -37.86 -14.73
CA ALA A 49 6.10 -36.39 -14.62
C ALA A 49 6.04 -36.01 -13.14
N LEU A 50 5.23 -36.71 -12.34
CA LEU A 50 5.08 -36.38 -10.91
C LEU A 50 6.43 -36.60 -10.20
N ASP A 51 7.11 -37.70 -10.50
CA ASP A 51 8.39 -38.00 -9.82
C ASP A 51 9.41 -36.89 -10.12
N VAL A 52 9.57 -36.52 -11.38
CA VAL A 52 10.64 -35.55 -11.72
C VAL A 52 10.32 -34.20 -11.05
N LEU A 53 9.05 -33.84 -10.89
CA LEU A 53 8.68 -32.58 -10.21
C LEU A 53 8.93 -32.70 -8.69
N PHE A 54 8.42 -33.74 -8.04
CA PHE A 54 8.26 -33.73 -6.58
C PHE A 54 9.14 -34.74 -5.84
N SER A 55 9.72 -35.74 -6.49
CA SER A 55 10.46 -36.78 -5.75
C SER A 55 11.71 -36.19 -5.12
N THR A 56 11.89 -36.47 -3.83
CA THR A 56 13.11 -36.11 -3.07
C THR A 56 14.17 -37.19 -3.21
N THR A 57 13.95 -38.23 -4.01
CA THR A 57 14.98 -39.27 -4.30
C THR A 57 15.39 -39.27 -5.78
N ASN A 58 14.47 -39.07 -6.74
CA ASN A 58 14.77 -39.23 -8.17
C ASN A 58 14.25 -38.04 -8.96
N GLY A 59 13.96 -36.92 -8.28
CA GLY A 59 13.38 -35.75 -8.96
C GLY A 59 13.93 -34.46 -8.41
N ALA A 60 13.22 -33.40 -8.67
CA ALA A 60 13.64 -32.05 -8.29
C ALA A 60 13.23 -31.74 -6.84
N GLY A 61 12.43 -32.60 -6.23
CA GLY A 61 12.07 -32.36 -4.82
C GLY A 61 11.41 -31.00 -4.62
N LEU A 62 10.57 -30.60 -5.57
CA LEU A 62 9.90 -29.30 -5.47
C LEU A 62 8.98 -29.32 -4.25
N SER A 63 8.99 -28.24 -3.49
CA SER A 63 8.35 -28.16 -2.14
C SER A 63 7.16 -27.19 -2.09
N ILE A 64 6.83 -26.54 -3.19
CA ILE A 64 5.66 -25.62 -3.31
C ILE A 64 4.94 -25.90 -4.61
N LEU A 65 3.63 -25.97 -4.59
CA LEU A 65 2.79 -26.02 -5.81
C LEU A 65 1.91 -24.78 -5.81
N ARG A 66 1.90 -24.07 -6.92
CA ARG A 66 1.03 -22.90 -7.16
C ARG A 66 -0.08 -23.32 -8.12
N ASN A 67 -1.31 -23.22 -7.66
CA ASN A 67 -2.50 -23.59 -8.45
C ASN A 67 -3.28 -22.33 -8.80
N GLY A 68 -3.92 -22.33 -9.96
CA GLY A 68 -4.85 -21.26 -10.29
C GLY A 68 -6.25 -21.54 -9.75
N ILE A 69 -6.91 -20.50 -9.27
CA ILE A 69 -8.33 -20.58 -8.84
C ILE A 69 -9.13 -20.19 -10.08
N GLY A 70 -9.65 -21.16 -10.79
CA GLY A 70 -10.22 -20.95 -12.12
C GLY A 70 -11.33 -19.92 -12.08
N SER A 71 -11.32 -19.05 -13.05
CA SER A 71 -12.27 -17.93 -13.17
C SER A 71 -13.22 -18.13 -14.37
N SER A 72 -13.02 -19.14 -15.23
CA SER A 72 -13.71 -19.17 -16.54
C SER A 72 -15.04 -19.92 -16.46
N PRO A 73 -15.92 -19.61 -17.42
CA PRO A 73 -17.23 -20.26 -17.46
C PRO A 73 -17.21 -21.72 -17.92
N ASP A 74 -16.12 -22.16 -18.53
CA ASP A 74 -15.98 -23.52 -19.13
C ASP A 74 -14.49 -23.82 -19.33
N MET A 75 -14.19 -25.02 -19.84
CA MET A 75 -12.81 -25.48 -20.10
C MET A 75 -12.46 -25.40 -21.59
N SER A 76 -13.08 -24.49 -22.33
N SER A 76 -13.07 -24.49 -22.35
CA SER A 76 -12.67 -24.07 -23.69
CA SER A 76 -12.65 -24.23 -23.75
C SER A 76 -11.15 -23.84 -23.69
C SER A 76 -11.19 -23.76 -23.75
N SER A 77 -10.48 -24.06 -24.83
CA SER A 77 -9.07 -23.68 -24.98
C SER A 77 -8.32 -24.29 -23.77
N ASP A 78 -7.51 -23.49 -23.09
CA ASP A 78 -6.72 -23.92 -21.91
C ASP A 78 -7.32 -23.27 -20.68
N HIS A 79 -8.58 -22.83 -20.71
CA HIS A 79 -9.19 -22.09 -19.57
C HIS A 79 -9.40 -23.01 -18.38
N MET A 80 -9.32 -22.41 -17.21
CA MET A 80 -9.61 -23.05 -15.91
C MET A 80 -11.05 -22.74 -15.52
N VAL A 81 -11.92 -23.74 -15.58
CA VAL A 81 -13.34 -23.53 -15.18
C VAL A 81 -13.40 -23.20 -13.70
N SER A 82 -14.23 -22.23 -13.34
CA SER A 82 -14.54 -21.80 -11.96
C SER A 82 -15.43 -22.81 -11.24
N ILE A 83 -15.30 -22.84 -9.92
CA ILE A 83 -16.24 -23.56 -9.01
C ILE A 83 -17.62 -22.92 -9.02
N ALA A 84 -17.76 -21.69 -9.53
CA ALA A 84 -19.08 -21.01 -9.55
C ALA A 84 -19.23 -20.34 -10.90
N PRO A 85 -19.33 -21.13 -11.99
CA PRO A 85 -19.32 -20.55 -13.33
C PRO A 85 -20.63 -19.82 -13.71
N LYS A 86 -21.73 -20.05 -12.99
CA LYS A 86 -23.05 -19.41 -13.29
C LYS A 86 -23.35 -18.34 -12.25
N SER A 87 -23.77 -17.16 -12.71
CA SER A 87 -24.15 -16.01 -11.83
C SER A 87 -25.42 -16.34 -11.05
N PRO A 88 -25.51 -15.92 -9.77
CA PRO A 88 -26.79 -15.94 -9.05
C PRO A 88 -27.61 -14.67 -9.33
N GLY A 89 -27.17 -13.80 -10.24
CA GLY A 89 -27.92 -12.59 -10.63
C GLY A 89 -27.56 -11.39 -9.78
N SER A 90 -27.55 -11.56 -8.45
CA SER A 90 -27.32 -10.45 -7.50
C SER A 90 -26.38 -10.96 -6.42
N PRO A 91 -25.47 -10.11 -5.90
CA PRO A 91 -24.59 -10.51 -4.82
C PRO A 91 -25.34 -10.78 -3.50
N ASN A 92 -26.62 -10.39 -3.44
CA ASN A 92 -27.52 -10.66 -2.30
C ASN A 92 -28.03 -12.11 -2.36
N ASN A 93 -27.88 -12.78 -3.50
CA ASN A 93 -28.27 -14.22 -3.64
C ASN A 93 -27.07 -15.09 -3.29
N PRO A 94 -27.28 -16.28 -2.68
CA PRO A 94 -26.19 -17.22 -2.46
C PRO A 94 -25.48 -17.54 -3.78
N LEU A 95 -24.15 -17.66 -3.72
CA LEU A 95 -23.39 -18.15 -4.91
C LEU A 95 -23.82 -19.59 -5.17
N ILE A 96 -23.79 -19.97 -6.44
CA ILE A 96 -24.14 -21.34 -6.89
C ILE A 96 -22.81 -22.07 -7.13
N TYR A 97 -22.47 -23.02 -6.27
CA TYR A 97 -21.21 -23.80 -6.45
C TYR A 97 -21.52 -25.06 -7.25
N SER A 98 -20.64 -25.37 -8.19
N SER A 98 -20.67 -25.36 -8.21
CA SER A 98 -20.78 -26.47 -9.18
CA SER A 98 -20.81 -26.51 -9.14
C SER A 98 -19.46 -27.24 -9.20
C SER A 98 -19.46 -27.23 -9.19
N TRP A 99 -19.11 -27.86 -8.08
CA TRP A 99 -17.78 -28.51 -7.92
C TRP A 99 -17.68 -29.72 -8.86
N ASP A 100 -16.56 -29.86 -9.54
CA ASP A 100 -16.36 -30.99 -10.50
C ASP A 100 -15.42 -32.05 -9.92
N GLY A 101 -14.95 -31.91 -8.67
CA GLY A 101 -14.03 -32.87 -8.06
C GLY A 101 -12.64 -32.88 -8.70
N SER A 102 -12.32 -31.94 -9.56
CA SER A 102 -11.06 -31.98 -10.37
C SER A 102 -10.30 -30.64 -10.32
N ASP A 103 -10.99 -29.52 -10.45
CA ASP A 103 -10.32 -28.20 -10.44
C ASP A 103 -9.29 -28.20 -11.59
N ASN A 104 -9.68 -28.57 -12.80
CA ASN A 104 -8.77 -28.45 -13.97
C ASN A 104 -7.54 -29.35 -13.78
N LYS A 105 -7.76 -30.49 -13.12
CA LYS A 105 -6.82 -31.57 -12.82
C LYS A 105 -5.73 -31.10 -11.84
N GLN A 106 -5.88 -29.90 -11.27
CA GLN A 106 -4.90 -29.44 -10.25
C GLN A 106 -5.10 -30.17 -8.93
N LEU A 107 -6.31 -30.61 -8.64
CA LEU A 107 -6.52 -31.29 -7.35
C LEU A 107 -5.71 -32.59 -7.32
N TRP A 108 -5.72 -33.33 -8.42
CA TRP A 108 -4.96 -34.59 -8.56
C TRP A 108 -3.46 -34.31 -8.41
N VAL A 109 -2.96 -33.26 -9.05
CA VAL A 109 -1.51 -32.94 -8.93
C VAL A 109 -1.22 -32.62 -7.45
N SER A 110 -2.11 -31.87 -6.82
CA SER A 110 -1.96 -31.45 -5.41
C SER A 110 -1.99 -32.67 -4.50
N GLN A 111 -2.93 -33.58 -4.70
CA GLN A 111 -3.07 -34.78 -3.84
C GLN A 111 -1.83 -35.65 -3.98
N GLU A 112 -1.31 -35.77 -5.19
CA GLU A 112 -0.04 -36.52 -5.40
C GLU A 112 1.09 -35.75 -4.69
N ALA A 113 1.23 -34.46 -4.93
CA ALA A 113 2.32 -33.70 -4.27
C ALA A 113 2.28 -33.93 -2.76
N VAL A 114 1.11 -33.75 -2.14
CA VAL A 114 0.99 -33.78 -0.67
C VAL A 114 1.11 -35.22 -0.18
N HIS A 115 0.29 -36.15 -0.67
CA HIS A 115 0.18 -37.50 -0.06
C HIS A 115 1.20 -38.50 -0.61
N THR A 116 1.65 -38.35 -1.83
CA THR A 116 2.71 -39.23 -2.37
C THR A 116 4.08 -38.67 -2.01
N TYR A 117 4.28 -37.35 -2.13
CA TYR A 117 5.65 -36.76 -2.08
C TYR A 117 5.93 -35.88 -0.88
N GLY A 118 4.95 -35.65 0.02
CA GLY A 118 5.21 -34.91 1.27
C GLY A 118 5.23 -33.40 1.14
N VAL A 119 4.76 -32.85 0.02
CA VAL A 119 4.66 -31.38 -0.13
C VAL A 119 3.68 -30.84 0.92
N LYS A 120 4.00 -29.72 1.54
CA LYS A 120 3.15 -29.13 2.61
C LYS A 120 2.75 -27.70 2.30
N THR A 121 3.18 -27.13 1.18
CA THR A 121 2.89 -25.73 0.85
C THR A 121 2.13 -25.69 -0.48
N ILE A 122 0.88 -25.22 -0.44
CA ILE A 122 -0.05 -25.17 -1.59
C ILE A 122 -0.54 -23.73 -1.67
N TYR A 123 -0.11 -23.05 -2.74
CA TYR A 123 -0.47 -21.64 -2.97
C TYR A 123 -1.54 -21.58 -4.05
N ALA A 124 -2.75 -21.14 -3.68
CA ALA A 124 -3.85 -20.99 -4.65
C ALA A 124 -4.04 -19.52 -4.96
N ASP A 125 -4.00 -19.17 -6.24
CA ASP A 125 -4.02 -17.77 -6.69
C ASP A 125 -5.07 -17.64 -7.80
N ALA A 126 -6.03 -16.73 -7.64
CA ALA A 126 -6.97 -16.36 -8.73
C ALA A 126 -6.33 -15.33 -9.66
N TRP A 127 -6.40 -15.56 -10.98
N TRP A 127 -6.50 -15.47 -10.97
CA TRP A 127 -6.04 -14.60 -12.05
CA TRP A 127 -6.07 -14.48 -11.96
C TRP A 127 -7.16 -13.53 -12.14
C TRP A 127 -7.21 -13.51 -12.23
N SER A 128 -8.41 -13.94 -11.90
CA SER A 128 -9.60 -13.08 -11.98
C SER A 128 -10.69 -13.64 -11.07
N ALA A 129 -11.62 -12.80 -10.69
CA ALA A 129 -12.96 -13.21 -10.25
C ALA A 129 -13.74 -13.73 -11.46
N PRO A 130 -14.81 -14.50 -11.22
CA PRO A 130 -15.76 -14.82 -12.28
C PRO A 130 -16.30 -13.55 -12.96
N GLY A 131 -16.60 -13.65 -14.24
CA GLY A 131 -17.01 -12.51 -15.06
C GLY A 131 -18.19 -11.75 -14.47
N TYR A 132 -19.16 -12.45 -13.89
CA TYR A 132 -20.38 -11.78 -13.37
C TYR A 132 -20.06 -10.90 -12.15
N MET A 133 -18.85 -11.01 -11.57
CA MET A 133 -18.49 -10.16 -10.41
C MET A 133 -17.72 -8.91 -10.86
N LYS A 134 -17.51 -8.72 -12.18
CA LYS A 134 -16.57 -7.68 -12.66
C LYS A 134 -17.27 -6.59 -13.49
N THR A 135 -16.60 -5.45 -13.59
CA THR A 135 -17.10 -4.27 -14.32
C THR A 135 -17.35 -4.62 -15.79
N ASN A 136 -16.54 -5.51 -16.38
CA ASN A 136 -16.64 -5.89 -17.81
C ASN A 136 -17.47 -7.18 -18.03
N GLY A 137 -17.96 -7.82 -16.98
CA GLY A 137 -18.79 -9.03 -17.16
C GLY A 137 -18.01 -10.17 -17.80
N ASN A 138 -16.69 -10.25 -17.60
CA ASN A 138 -15.89 -11.29 -18.27
C ASN A 138 -14.64 -11.54 -17.43
N ASP A 139 -14.22 -12.80 -17.31
CA ASP A 139 -13.00 -13.13 -16.52
C ASP A 139 -11.78 -12.71 -17.31
N ALA A 140 -11.89 -12.49 -18.63
CA ALA A 140 -10.75 -12.08 -19.46
C ALA A 140 -10.83 -10.58 -19.75
N ASN A 141 -9.79 -10.04 -20.36
CA ASN A 141 -9.73 -8.65 -20.87
C ASN A 141 -9.83 -7.66 -19.71
N GLY A 142 -9.17 -7.95 -18.60
CA GLY A 142 -9.06 -7.00 -17.48
C GLY A 142 -10.41 -6.76 -16.84
N GLY A 143 -10.78 -5.51 -16.61
CA GLY A 143 -11.92 -5.22 -15.74
C GLY A 143 -11.55 -5.36 -14.28
N THR A 144 -12.42 -4.89 -13.39
CA THR A 144 -12.14 -4.87 -11.94
CA THR A 144 -12.17 -4.80 -11.93
C THR A 144 -13.31 -5.46 -11.17
N LEU A 145 -13.05 -5.93 -9.96
CA LEU A 145 -14.08 -6.46 -9.06
C LEU A 145 -15.13 -5.37 -8.77
N CYS A 146 -16.39 -5.71 -8.97
CA CYS A 146 -17.53 -4.80 -8.72
C CYS A 146 -17.61 -4.44 -7.23
N GLY A 147 -17.64 -3.15 -6.91
CA GLY A 147 -17.88 -2.67 -5.54
C GLY A 147 -16.65 -2.05 -4.91
N LEU A 148 -15.48 -2.28 -5.51
CA LEU A 148 -14.24 -1.60 -5.08
C LEU A 148 -14.39 -0.11 -5.32
N SER A 149 -13.58 0.69 -4.64
CA SER A 149 -13.54 2.15 -4.89
C SER A 149 -13.29 2.36 -6.37
N GLY A 150 -14.13 3.17 -7.03
CA GLY A 150 -13.93 3.48 -8.45
C GLY A 150 -14.55 2.45 -9.37
N ALA A 151 -15.20 1.42 -8.84
CA ALA A 151 -15.74 0.28 -9.63
C ALA A 151 -17.16 -0.06 -9.14
N GLN A 152 -18.04 0.93 -9.00
CA GLN A 152 -19.46 0.66 -8.63
C GLN A 152 -20.13 0.04 -9.87
N CYS A 153 -20.89 -1.03 -9.68
CA CYS A 153 -21.54 -1.75 -10.80
C CYS A 153 -23.05 -1.63 -10.59
N ALA A 154 -23.79 -1.52 -11.69
CA ALA A 154 -25.26 -1.70 -11.72
C ALA A 154 -25.66 -2.99 -11.01
N SER A 155 -24.93 -4.10 -11.20
CA SER A 155 -25.38 -5.42 -10.71
C SER A 155 -25.18 -5.55 -9.21
N GLY A 156 -24.39 -4.68 -8.61
CA GLY A 156 -24.17 -4.71 -7.16
C GLY A 156 -22.70 -4.70 -6.75
N ASP A 157 -22.53 -4.79 -5.46
CA ASP A 157 -21.22 -4.87 -4.76
C ASP A 157 -20.93 -6.34 -4.53
N TRP A 158 -19.92 -6.86 -5.22
CA TRP A 158 -19.59 -8.30 -5.22
C TRP A 158 -18.34 -8.55 -4.38
N ARG A 159 -17.88 -7.57 -3.62
CA ARG A 159 -16.58 -7.79 -2.90
C ARG A 159 -16.74 -8.93 -1.88
N GLN A 160 -17.76 -8.92 -1.03
CA GLN A 160 -17.94 -9.97 -0.03
C GLN A 160 -18.16 -11.30 -0.73
N ALA A 161 -18.90 -11.29 -1.84
CA ALA A 161 -19.17 -12.51 -2.63
C ALA A 161 -17.83 -13.10 -3.09
N TYR A 162 -16.90 -12.27 -3.56
CA TYR A 162 -15.62 -12.81 -4.06
C TYR A 162 -14.84 -13.39 -2.88
N ALA A 163 -14.89 -12.77 -1.72
CA ALA A 163 -14.23 -13.29 -0.50
C ALA A 163 -14.87 -14.64 -0.12
N ASP A 164 -16.20 -14.75 -0.17
CA ASP A 164 -16.89 -16.01 0.17
C ASP A 164 -16.46 -17.10 -0.82
N TYR A 165 -16.36 -16.73 -2.09
CA TYR A 165 -15.99 -17.63 -3.21
C TYR A 165 -14.58 -18.19 -2.98
N LEU A 166 -13.62 -17.32 -2.67
CA LEU A 166 -12.23 -17.78 -2.47
C LEU A 166 -12.17 -18.71 -1.25
N THR A 167 -12.92 -18.37 -0.22
CA THR A 167 -13.00 -19.21 0.99
C THR A 167 -13.58 -20.60 0.66
N LYS A 168 -14.62 -20.63 -0.16
CA LYS A 168 -15.29 -21.89 -0.59
C LYS A 168 -14.31 -22.73 -1.41
N TYR A 169 -13.53 -22.13 -2.30
CA TYR A 169 -12.52 -22.86 -3.09
C TYR A 169 -11.57 -23.59 -2.11
N VAL A 170 -11.08 -22.88 -1.09
CA VAL A 170 -10.19 -23.51 -0.08
C VAL A 170 -10.93 -24.65 0.63
N GLU A 171 -12.21 -24.46 0.93
CA GLU A 171 -12.99 -25.52 1.61
C GLU A 171 -13.15 -26.75 0.72
N PHE A 172 -13.36 -26.57 -0.58
CA PHE A 172 -13.47 -27.73 -1.50
C PHE A 172 -12.14 -28.52 -1.46
N TYR A 173 -11.01 -27.81 -1.46
CA TYR A 173 -9.70 -28.49 -1.38
C TYR A 173 -9.58 -29.24 -0.04
N GLN A 174 -9.92 -28.57 1.06
CA GLN A 174 -9.89 -29.18 2.41
C GLN A 174 -10.73 -30.47 2.45
N GLU A 175 -11.91 -30.43 1.87
CA GLU A 175 -12.82 -31.61 1.94
C GLU A 175 -12.33 -32.67 0.95
N SER A 176 -11.33 -32.35 0.11
CA SER A 176 -10.64 -33.29 -0.81
C SER A 176 -9.26 -33.68 -0.27
N ASN A 177 -9.06 -33.44 1.04
N ASN A 177 -9.00 -33.45 1.01
CA ASN A 177 -7.88 -33.73 1.92
CA ASN A 177 -7.74 -33.92 1.66
C ASN A 177 -6.60 -33.03 1.42
C ASN A 177 -6.54 -33.11 1.16
N VAL A 178 -6.73 -31.82 0.87
CA VAL A 178 -5.56 -30.96 0.58
C VAL A 178 -5.72 -29.63 1.31
N THR A 179 -4.71 -29.24 2.09
CA THR A 179 -4.72 -27.95 2.81
C THR A 179 -4.06 -26.88 1.96
N VAL A 180 -4.83 -25.87 1.54
CA VAL A 180 -4.25 -24.69 0.86
C VAL A 180 -3.65 -23.82 1.98
N THR A 181 -2.37 -23.50 1.87
CA THR A 181 -1.64 -22.77 2.93
C THR A 181 -1.57 -21.27 2.66
N HIS A 182 -1.68 -20.88 1.39
CA HIS A 182 -1.50 -19.47 0.95
C HIS A 182 -2.55 -19.18 -0.11
N LEU A 183 -3.12 -17.99 -0.07
CA LEU A 183 -4.28 -17.61 -0.92
C LEU A 183 -4.04 -16.25 -1.56
N GLY A 184 -4.09 -16.21 -2.89
CA GLY A 184 -4.00 -14.97 -3.64
C GLY A 184 -5.26 -14.73 -4.47
N PHE A 185 -5.62 -13.47 -4.70
CA PHE A 185 -6.94 -13.08 -5.26
C PHE A 185 -6.75 -12.30 -6.56
N ILE A 186 -5.50 -12.00 -6.94
CA ILE A 186 -5.17 -11.30 -8.21
C ILE A 186 -3.88 -11.90 -8.76
N ASN A 187 -3.66 -11.67 -10.03
CA ASN A 187 -2.40 -12.00 -10.73
C ASN A 187 -2.14 -10.86 -11.71
N ALA A 188 -0.92 -10.32 -11.79
CA ALA A 188 -0.59 -9.23 -12.73
C ALA A 188 -1.68 -8.18 -12.72
N PRO A 189 -1.98 -7.58 -11.54
CA PRO A 189 -3.04 -6.57 -11.46
C PRO A 189 -2.82 -5.29 -12.27
N GLU A 190 -1.62 -5.10 -12.79
CA GLU A 190 -1.24 -3.94 -13.65
C GLU A 190 -1.46 -4.31 -15.12
N LEU A 191 -1.87 -5.54 -15.45
CA LEU A 191 -1.89 -6.02 -16.86
C LEU A 191 -3.28 -6.51 -17.25
N THR A 192 -3.80 -5.95 -18.35
CA THR A 192 -4.97 -6.46 -19.07
C THR A 192 -4.48 -7.43 -20.14
N THR A 193 -5.10 -8.61 -20.23
CA THR A 193 -4.71 -9.62 -21.22
C THR A 193 -5.94 -10.21 -21.90
N SER A 194 -5.73 -11.02 -22.93
CA SER A 194 -6.80 -11.71 -23.68
C SER A 194 -7.27 -12.95 -22.91
N TYR A 195 -6.64 -13.28 -21.77
CA TYR A 195 -6.95 -14.46 -20.94
C TYR A 195 -7.32 -13.93 -19.55
N ALA A 196 -7.54 -14.83 -18.60
CA ALA A 196 -7.94 -14.46 -17.23
C ALA A 196 -7.04 -13.35 -16.70
N SER A 197 -7.65 -12.22 -16.41
CA SER A 197 -6.93 -11.02 -15.96
C SER A 197 -7.90 -10.10 -15.22
N MET A 198 -7.37 -9.33 -14.28
CA MET A 198 -8.25 -8.44 -13.49
C MET A 198 -7.36 -7.33 -12.95
N ARG A 199 -7.81 -6.10 -13.08
CA ARG A 199 -7.02 -4.88 -12.79
C ARG A 199 -7.40 -4.39 -11.40
N PHE A 200 -6.44 -4.36 -10.49
CA PHE A 200 -6.54 -3.71 -9.17
C PHE A 200 -5.38 -2.73 -9.04
N SER A 201 -5.67 -1.55 -8.52
CA SER A 201 -4.63 -0.67 -7.96
C SER A 201 -4.15 -1.26 -6.63
N ALA A 202 -3.03 -0.77 -6.12
CA ALA A 202 -2.55 -1.21 -4.80
C ALA A 202 -3.57 -0.85 -3.72
N SER A 203 -4.19 0.32 -3.84
N SER A 203 -4.22 0.31 -3.80
CA SER A 203 -5.24 0.79 -2.92
CA SER A 203 -5.22 0.69 -2.78
C SER A 203 -6.42 -0.20 -2.93
C SER A 203 -6.45 -0.24 -2.91
N GLN A 204 -6.81 -0.68 -4.11
CA GLN A 204 -7.95 -1.63 -4.25
C GLN A 204 -7.55 -2.98 -3.62
N ALA A 205 -6.29 -3.38 -3.75
CA ALA A 205 -5.77 -4.62 -3.14
C ALA A 205 -5.94 -4.50 -1.63
N ALA A 206 -5.54 -3.36 -1.06
CA ALA A 206 -5.66 -3.16 0.40
C ALA A 206 -7.13 -3.22 0.83
N GLU A 207 -7.99 -2.56 0.04
CA GLU A 207 -9.46 -2.51 0.28
C GLU A 207 -9.99 -3.95 0.34
N PHE A 208 -9.59 -4.77 -0.61
CA PHE A 208 -10.10 -6.16 -0.67
C PHE A 208 -9.52 -7.03 0.46
N ILE A 209 -8.24 -6.86 0.81
CA ILE A 209 -7.63 -7.61 1.93
C ILE A 209 -8.42 -7.36 3.21
N ARG A 210 -8.89 -6.14 3.41
N ARG A 210 -8.88 -6.14 3.40
CA ARG A 210 -9.67 -5.77 4.63
CA ARG A 210 -9.66 -5.77 4.61
C ARG A 210 -10.98 -6.55 4.67
C ARG A 210 -10.98 -6.55 4.67
N ILE A 211 -11.52 -6.95 3.50
CA ILE A 211 -12.75 -7.80 3.42
C ILE A 211 -12.36 -9.28 3.49
N LEU A 212 -11.31 -9.70 2.78
CA LEU A 212 -10.98 -11.14 2.70
C LEU A 212 -10.47 -11.66 4.05
N TYR A 213 -9.63 -10.90 4.76
CA TYR A 213 -9.02 -11.38 6.03
C TYR A 213 -10.09 -11.77 7.04
N PRO A 214 -11.06 -10.89 7.41
CA PRO A 214 -12.11 -11.31 8.34
C PRO A 214 -12.96 -12.48 7.81
N THR A 215 -13.19 -12.56 6.50
CA THR A 215 -13.95 -13.68 5.91
C THR A 215 -13.21 -15.00 6.22
N ILE A 216 -11.90 -15.04 5.96
CA ILE A 216 -11.10 -16.25 6.28
C ILE A 216 -11.12 -16.50 7.80
N GLN A 217 -10.85 -15.48 8.63
CA GLN A 217 -10.69 -15.68 10.09
C GLN A 217 -12.03 -16.13 10.69
N LYS A 218 -13.18 -15.74 10.14
CA LYS A 218 -14.51 -16.11 10.69
C LYS A 218 -14.98 -17.45 10.12
N SER A 219 -14.29 -18.00 9.11
CA SER A 219 -14.72 -19.21 8.38
C SER A 219 -14.54 -20.46 9.25
N ASN A 220 -15.09 -21.56 8.80
CA ASN A 220 -14.92 -22.86 9.49
C ASN A 220 -13.72 -23.60 8.88
N LEU A 221 -12.86 -22.95 8.07
CA LEU A 221 -11.65 -23.65 7.55
C LEU A 221 -10.82 -24.18 8.72
N THR A 222 -10.29 -25.38 8.59
CA THR A 222 -9.45 -26.01 9.62
C THR A 222 -8.12 -25.26 9.74
N TYR A 223 -7.53 -24.92 8.61
CA TYR A 223 -6.30 -24.10 8.55
C TYR A 223 -6.66 -22.80 7.82
N LYS A 224 -6.46 -21.67 8.46
CA LYS A 224 -6.68 -20.34 7.84
C LYS A 224 -5.49 -20.02 6.95
N PRO A 225 -5.62 -20.00 5.60
CA PRO A 225 -4.47 -19.71 4.75
C PRO A 225 -4.01 -18.27 4.94
N THR A 226 -2.72 -18.09 4.75
CA THR A 226 -2.06 -16.76 4.72
C THR A 226 -2.40 -16.07 3.40
N ILE A 227 -2.88 -14.85 3.46
CA ILE A 227 -3.20 -14.07 2.24
C ILE A 227 -1.91 -13.58 1.62
N ALA A 228 -1.83 -13.62 0.30
CA ALA A 228 -0.67 -13.15 -0.47
C ALA A 228 -1.09 -11.97 -1.33
N CYS A 229 -0.13 -11.15 -1.74
CA CYS A 229 -0.36 -10.10 -2.75
C CYS A 229 0.98 -9.75 -3.37
N CYS A 230 1.04 -9.42 -4.68
CA CYS A 230 -0.09 -9.32 -5.57
C CYS A 230 0.24 -9.99 -6.89
N ASP A 231 1.32 -10.75 -6.93
CA ASP A 231 1.72 -11.42 -8.19
C ASP A 231 1.87 -10.39 -9.31
N ALA A 232 2.46 -9.21 -9.03
CA ALA A 232 2.83 -8.28 -10.11
C ALA A 232 3.88 -8.93 -11.01
N GLU A 233 4.04 -8.45 -12.24
N GLU A 233 4.07 -8.37 -12.20
CA GLU A 233 4.87 -9.16 -13.24
CA GLU A 233 4.87 -8.99 -13.28
C GLU A 233 6.38 -8.88 -13.02
C GLU A 233 6.38 -8.85 -13.03
N GLY A 234 6.76 -8.09 -12.01
CA GLY A 234 8.19 -7.85 -11.71
C GLY A 234 8.37 -7.29 -10.31
N TRP A 235 9.59 -7.37 -9.79
CA TRP A 235 9.99 -6.76 -8.51
C TRP A 235 9.59 -5.28 -8.46
N ASN A 236 9.88 -4.52 -9.53
CA ASN A 236 9.68 -3.05 -9.51
C ASN A 236 8.19 -2.77 -9.33
N SER A 237 7.36 -3.48 -10.10
N SER A 237 7.33 -3.43 -10.12
CA SER A 237 5.88 -3.27 -10.11
CA SER A 237 5.87 -3.16 -10.04
C SER A 237 5.29 -3.64 -8.74
C SER A 237 5.36 -3.57 -8.64
N GLN A 238 5.72 -4.76 -8.18
CA GLN A 238 5.25 -5.18 -6.84
C GLN A 238 5.77 -4.19 -5.79
N ALA A 239 7.04 -3.77 -5.86
CA ALA A 239 7.58 -2.86 -4.82
C ALA A 239 6.76 -1.56 -4.82
N GLY A 240 6.23 -1.14 -5.97
CA GLY A 240 5.41 0.08 -6.05
C GLY A 240 4.07 -0.06 -5.35
N MET A 241 3.57 -1.27 -5.06
CA MET A 241 2.27 -1.51 -4.40
C MET A 241 2.45 -1.54 -2.87
N LEU A 242 3.69 -1.62 -2.38
CA LEU A 242 3.91 -1.91 -0.94
C LEU A 242 3.44 -0.75 -0.05
N GLY A 243 3.56 0.49 -0.53
CA GLY A 243 3.04 1.63 0.26
C GLY A 243 1.57 1.45 0.61
N ALA A 244 0.70 1.25 -0.36
CA ALA A 244 -0.74 1.07 -0.08
C ALA A 244 -0.96 -0.21 0.73
N LEU A 245 -0.17 -1.26 0.53
CA LEU A 245 -0.44 -2.52 1.27
C LEU A 245 -0.05 -2.35 2.74
N SER A 246 0.78 -1.36 3.05
CA SER A 246 1.39 -1.31 4.41
C SER A 246 0.29 -1.09 5.46
N SER A 247 -0.87 -0.46 5.16
CA SER A 247 -1.97 -0.31 6.15
C SER A 247 -2.59 -1.66 6.49
N VAL A 248 -2.41 -2.70 5.67
CA VAL A 248 -3.03 -4.03 5.94
C VAL A 248 -1.95 -5.09 6.18
N ASN A 249 -0.75 -4.71 6.58
CA ASN A 249 0.32 -5.71 6.87
C ASN A 249 -0.08 -6.66 8.00
N SER A 250 -1.02 -6.30 8.85
CA SER A 250 -1.55 -7.20 9.92
C SER A 250 -2.54 -8.25 9.35
N MET A 251 -2.90 -8.14 8.06
N MET A 251 -2.88 -8.18 8.07
CA MET A 251 -4.02 -8.91 7.44
CA MET A 251 -3.97 -9.04 7.56
C MET A 251 -3.56 -9.72 6.21
C MET A 251 -3.51 -9.89 6.38
N PHE A 252 -2.28 -9.69 5.89
CA PHE A 252 -1.74 -10.61 4.87
C PHE A 252 -0.32 -10.91 5.29
N GLY A 253 0.27 -11.97 4.74
CA GLY A 253 1.57 -12.43 5.24
C GLY A 253 2.54 -12.89 4.18
N LEU A 254 2.32 -12.57 2.92
CA LEU A 254 3.22 -13.03 1.87
C LEU A 254 3.19 -12.02 0.75
N VAL A 255 4.36 -11.58 0.30
CA VAL A 255 4.46 -10.75 -0.94
C VAL A 255 4.93 -11.62 -2.09
N THR A 256 4.25 -11.49 -3.23
CA THR A 256 4.55 -12.32 -4.41
C THR A 256 4.79 -11.44 -5.64
N ALA A 257 5.73 -11.81 -6.48
CA ALA A 257 6.01 -11.10 -7.75
C ALA A 257 6.71 -12.05 -8.71
N HIS A 258 6.58 -11.73 -9.98
CA HIS A 258 7.19 -12.52 -11.07
C HIS A 258 8.55 -11.92 -11.47
N ALA A 259 9.14 -12.47 -12.52
CA ALA A 259 10.40 -11.94 -13.07
C ALA A 259 10.29 -11.73 -14.57
N TYR A 260 9.25 -11.00 -14.98
CA TYR A 260 9.02 -10.72 -16.41
C TYR A 260 9.35 -9.25 -16.68
N THR A 261 8.75 -8.28 -16.01
CA THR A 261 8.91 -6.86 -16.41
C THR A 261 10.10 -6.24 -15.68
N SER A 262 10.64 -6.89 -14.65
CA SER A 262 11.92 -6.49 -14.01
C SER A 262 12.44 -7.71 -13.27
N GLN A 263 13.71 -7.69 -12.89
CA GLN A 263 14.33 -8.85 -12.22
C GLN A 263 14.38 -8.65 -10.71
N PRO A 264 14.45 -9.79 -9.98
CA PRO A 264 14.51 -9.78 -8.53
C PRO A 264 15.92 -9.52 -8.01
N GLY A 265 16.33 -8.25 -8.12
CA GLY A 265 17.74 -7.88 -7.89
C GLY A 265 17.92 -6.87 -6.78
N PHE A 266 16.89 -6.62 -5.96
CA PHE A 266 17.02 -5.79 -4.75
C PHE A 266 16.08 -6.35 -3.70
N SER A 267 16.27 -5.98 -2.44
N SER A 267 16.28 -5.98 -2.45
CA SER A 267 15.42 -6.40 -1.29
CA SER A 267 15.42 -6.42 -1.32
C SER A 267 14.22 -5.47 -1.20
C SER A 267 14.22 -5.48 -1.20
N MET A 268 13.00 -6.00 -1.30
CA MET A 268 11.79 -5.17 -1.12
C MET A 268 11.66 -4.75 0.34
N ASN A 269 11.10 -3.57 0.56
CA ASN A 269 10.86 -3.03 1.91
C ASN A 269 9.48 -3.49 2.39
N THR A 270 9.41 -4.69 2.92
CA THR A 270 8.17 -5.27 3.47
C THR A 270 8.58 -6.16 4.63
N PRO A 271 7.74 -6.31 5.65
CA PRO A 271 8.04 -7.22 6.74
C PRO A 271 7.82 -8.69 6.35
N HIS A 272 7.15 -8.91 5.22
CA HIS A 272 6.72 -10.29 4.87
C HIS A 272 7.81 -11.04 4.10
N PRO A 273 7.78 -12.37 4.09
CA PRO A 273 8.59 -13.10 3.13
C PRO A 273 8.13 -12.70 1.73
N VAL A 274 9.06 -12.74 0.80
CA VAL A 274 8.79 -12.39 -0.62
C VAL A 274 9.08 -13.62 -1.48
N TRP A 275 8.11 -14.06 -2.29
CA TRP A 275 8.29 -15.21 -3.20
C TRP A 275 8.33 -14.71 -4.63
N MET A 276 9.27 -15.24 -5.40
CA MET A 276 9.29 -15.04 -6.85
C MET A 276 8.44 -16.19 -7.40
N THR A 277 7.20 -15.91 -7.76
CA THR A 277 6.20 -16.96 -8.01
C THR A 277 6.06 -17.34 -9.49
N ALA A 278 6.75 -16.69 -10.43
CA ALA A 278 6.71 -17.16 -11.83
C ALA A 278 7.86 -16.48 -12.60
N ALA A 279 8.62 -17.32 -13.26
CA ALA A 279 9.65 -16.87 -14.22
C ALA A 279 9.80 -17.97 -15.26
N ALA A 280 10.23 -17.60 -16.47
CA ALA A 280 10.46 -18.59 -17.54
C ALA A 280 11.03 -17.87 -18.75
N ASP A 281 11.63 -18.64 -19.63
CA ASP A 281 11.99 -18.18 -21.01
C ASP A 281 10.79 -18.47 -21.91
N LEU A 282 9.74 -17.64 -21.80
CA LEU A 282 8.39 -18.01 -22.32
C LEU A 282 8.39 -18.26 -23.83
N GLN A 283 9.16 -17.53 -24.62
CA GLN A 283 9.08 -17.69 -26.09
C GLN A 283 10.37 -18.24 -26.69
N GLY A 284 11.35 -18.62 -25.89
CA GLY A 284 12.56 -19.28 -26.39
C GLY A 284 12.26 -20.66 -26.91
N ALA A 285 12.88 -21.03 -28.03
CA ALA A 285 12.75 -22.38 -28.60
C ALA A 285 13.27 -23.39 -27.57
N TRP A 286 12.56 -24.51 -27.45
CA TRP A 286 12.88 -25.57 -26.48
C TRP A 286 14.38 -25.89 -26.49
N THR A 287 15.00 -25.87 -25.33
CA THR A 287 16.31 -26.53 -25.13
C THR A 287 16.27 -27.33 -23.84
N SER A 288 16.91 -28.49 -23.84
N SER A 288 16.94 -28.48 -23.86
CA SER A 288 17.10 -29.32 -22.61
CA SER A 288 17.12 -29.37 -22.68
C SER A 288 18.48 -29.07 -22.00
C SER A 288 18.53 -29.23 -22.11
N ALA A 289 19.36 -28.35 -22.68
CA ALA A 289 20.78 -28.27 -22.30
C ALA A 289 20.99 -27.56 -20.96
N TRP A 290 22.04 -28.01 -20.27
CA TRP A 290 22.58 -27.27 -19.10
C TRP A 290 23.35 -26.04 -19.57
N TYR A 291 24.32 -26.24 -20.47
CA TYR A 291 25.17 -25.12 -20.90
C TYR A 291 25.51 -25.30 -22.37
N SER A 292 25.23 -24.27 -23.15
CA SER A 292 25.59 -24.20 -24.59
C SER A 292 26.45 -22.95 -24.75
N TYR A 293 25.93 -21.79 -24.38
CA TYR A 293 26.63 -20.48 -24.42
C TYR A 293 26.16 -19.49 -23.35
N GLY A 294 25.29 -19.92 -22.43
CA GLY A 294 24.70 -19.01 -21.44
C GLY A 294 23.39 -18.40 -21.91
N GLY A 295 22.70 -19.03 -22.88
CA GLY A 295 21.43 -18.51 -23.41
C GLY A 295 20.29 -18.56 -22.41
N ALA A 296 19.17 -17.92 -22.72
CA ALA A 296 18.07 -17.64 -21.80
C ALA A 296 17.36 -18.91 -21.35
N GLY A 297 17.46 -20.02 -22.07
CA GLY A 297 16.75 -21.25 -21.72
C GLY A 297 17.62 -22.27 -21.02
N GLU A 298 18.93 -22.03 -20.88
CA GLU A 298 19.85 -23.09 -20.43
C GLU A 298 19.73 -23.33 -18.92
N GLY A 299 19.94 -24.55 -18.51
CA GLY A 299 19.88 -24.91 -17.07
C GLY A 299 20.81 -24.04 -16.26
N TRP A 300 22.02 -23.82 -16.77
CA TRP A 300 23.06 -23.03 -16.09
C TRP A 300 22.51 -21.63 -15.78
N THR A 301 21.92 -20.99 -16.78
CA THR A 301 21.31 -19.65 -16.65
C THR A 301 20.29 -19.67 -15.50
N TRP A 302 19.43 -20.68 -15.50
CA TRP A 302 18.33 -20.76 -14.47
C TRP A 302 18.91 -21.05 -13.09
N ALA A 303 19.98 -21.82 -12.99
CA ALA A 303 20.61 -21.99 -11.66
C ALA A 303 21.03 -20.63 -11.12
N ASN A 304 21.61 -19.80 -11.98
CA ASN A 304 22.10 -18.45 -11.67
C ASN A 304 20.93 -17.52 -11.42
N ASN A 305 19.83 -17.68 -12.15
CA ASN A 305 18.63 -16.82 -11.96
C ASN A 305 18.13 -17.04 -10.52
N VAL A 306 18.12 -18.31 -10.08
CA VAL A 306 17.66 -18.63 -8.69
C VAL A 306 18.63 -17.99 -7.70
N TYR A 307 19.94 -18.17 -7.93
CA TYR A 307 20.94 -17.58 -7.02
C TYR A 307 20.68 -16.09 -6.87
N ASN A 308 20.52 -15.41 -8.00
CA ASN A 308 20.35 -13.93 -7.96
C ASN A 308 19.08 -13.53 -7.19
N ALA A 309 17.96 -14.24 -7.42
CA ALA A 309 16.68 -13.97 -6.72
C ALA A 309 16.85 -14.09 -5.19
N ILE A 310 17.54 -15.13 -4.75
CA ILE A 310 17.75 -15.39 -3.30
C ILE A 310 18.76 -14.39 -2.72
N VAL A 311 19.90 -14.25 -3.33
CA VAL A 311 21.04 -13.51 -2.72
C VAL A 311 20.83 -12.02 -2.92
N ASN A 312 20.40 -11.61 -4.11
CA ASN A 312 20.26 -10.16 -4.41
C ASN A 312 18.79 -9.71 -4.26
N GLY A 313 17.82 -10.57 -4.51
CA GLY A 313 16.40 -10.18 -4.43
C GLY A 313 15.79 -10.48 -3.09
N ASN A 314 16.52 -11.15 -2.21
CA ASN A 314 16.06 -11.52 -0.86
C ASN A 314 14.79 -12.37 -0.94
N ALA A 315 14.67 -13.23 -1.96
CA ALA A 315 13.51 -14.10 -2.13
C ALA A 315 13.58 -15.26 -1.13
N SER A 316 12.43 -15.63 -0.61
CA SER A 316 12.22 -16.81 0.25
C SER A 316 11.71 -18.00 -0.54
N ALA A 317 11.28 -17.82 -1.79
CA ALA A 317 10.88 -18.97 -2.62
C ALA A 317 11.10 -18.62 -4.09
N TYR A 318 11.21 -19.64 -4.92
CA TYR A 318 11.40 -19.45 -6.36
C TYR A 318 10.58 -20.51 -7.08
N LEU A 319 9.70 -20.03 -7.95
N LEU A 319 9.59 -20.09 -7.86
CA LEU A 319 8.78 -20.87 -8.76
CA LEU A 319 8.78 -21.00 -8.71
C LEU A 319 9.04 -20.60 -10.24
C LEU A 319 8.97 -20.66 -10.18
N TYR A 320 9.41 -21.64 -10.97
CA TYR A 320 9.34 -21.58 -12.43
C TYR A 320 7.85 -21.52 -12.77
N TRP A 321 7.52 -20.91 -13.89
CA TRP A 321 6.11 -20.75 -14.34
C TRP A 321 5.38 -22.10 -14.38
N ILE A 322 5.75 -23.03 -15.27
CA ILE A 322 5.03 -24.32 -15.46
C ILE A 322 6.03 -25.48 -15.33
N GLY A 323 5.59 -26.56 -14.74
CA GLY A 323 6.42 -27.76 -14.63
C GLY A 323 6.39 -28.52 -15.93
N ALA A 324 5.38 -29.37 -16.10
CA ALA A 324 5.20 -30.20 -17.32
C ALA A 324 4.08 -29.63 -18.17
N GLN A 325 4.33 -29.59 -19.46
CA GLN A 325 3.28 -29.33 -20.47
C GLN A 325 3.82 -29.73 -21.84
N THR A 326 2.91 -29.70 -22.81
CA THR A 326 3.26 -29.89 -24.23
C THR A 326 3.81 -28.56 -24.79
N GLY A 327 4.36 -28.59 -25.99
CA GLY A 327 4.75 -27.36 -26.70
C GLY A 327 6.25 -27.24 -26.80
N ASN A 328 6.72 -26.31 -27.63
CA ASN A 328 8.13 -26.29 -28.08
C ASN A 328 8.79 -24.98 -27.67
N THR A 329 8.36 -24.37 -26.55
CA THR A 329 9.09 -23.22 -25.96
C THR A 329 9.50 -23.55 -24.53
N ASN A 330 10.38 -22.70 -24.01
CA ASN A 330 10.91 -22.86 -22.64
C ASN A 330 9.98 -22.26 -21.60
N SER A 331 8.66 -22.21 -21.84
CA SER A 331 7.70 -21.74 -20.82
C SER A 331 7.64 -22.71 -19.64
N HIS A 332 8.19 -23.90 -19.80
CA HIS A 332 8.03 -25.00 -18.84
C HIS A 332 9.36 -25.71 -18.63
N MET A 333 9.45 -26.53 -17.58
CA MET A 333 10.69 -27.26 -17.26
C MET A 333 10.69 -28.65 -17.85
N VAL A 334 9.53 -29.27 -18.03
CA VAL A 334 9.46 -30.70 -18.37
C VAL A 334 8.61 -30.86 -19.62
N HIS A 335 9.16 -31.48 -20.66
CA HIS A 335 8.48 -31.60 -21.96
C HIS A 335 7.57 -32.81 -21.95
N ILE A 336 6.33 -32.63 -22.38
CA ILE A 336 5.41 -33.75 -22.63
C ILE A 336 5.30 -33.91 -24.14
N ASP A 337 5.51 -35.12 -24.62
CA ASP A 337 5.25 -35.52 -26.03
C ASP A 337 3.94 -36.29 -25.95
N ALA A 338 2.81 -35.66 -26.25
CA ALA A 338 1.50 -36.31 -26.05
C ALA A 338 1.39 -37.56 -26.94
N ASN A 339 1.91 -37.51 -28.16
CA ASN A 339 1.85 -38.67 -29.10
C ASN A 339 2.68 -39.84 -28.58
N ALA A 340 3.88 -39.60 -28.11
CA ALA A 340 4.76 -40.70 -27.66
C ALA A 340 4.34 -41.12 -26.26
N GLY A 341 3.59 -40.28 -25.53
CA GLY A 341 3.24 -40.51 -24.12
C GLY A 341 4.47 -40.45 -23.23
N THR A 342 5.38 -39.55 -23.55
CA THR A 342 6.65 -39.47 -22.81
C THR A 342 6.85 -38.09 -22.20
N VAL A 343 7.80 -38.07 -21.27
N VAL A 343 7.74 -38.06 -21.21
CA VAL A 343 8.14 -36.95 -20.37
CA VAL A 343 8.11 -36.83 -20.49
C VAL A 343 9.66 -36.75 -20.43
C VAL A 343 9.63 -36.74 -20.46
N GLU A 344 10.13 -35.54 -20.73
CA GLU A 344 11.58 -35.27 -20.78
C GLU A 344 11.87 -34.02 -19.97
N PRO A 345 12.52 -34.19 -18.80
CA PRO A 345 12.97 -33.03 -18.04
C PRO A 345 14.09 -32.30 -18.78
N SER A 346 14.00 -30.99 -18.84
CA SER A 346 15.10 -30.11 -19.26
C SER A 346 16.08 -29.95 -18.09
N LYS A 347 17.25 -29.43 -18.38
CA LYS A 347 18.18 -29.08 -17.30
C LYS A 347 17.72 -27.86 -16.51
N ARG A 348 16.67 -27.14 -16.91
CA ARG A 348 16.03 -26.14 -16.03
C ARG A 348 15.37 -26.86 -14.85
N LEU A 349 14.73 -28.02 -15.09
N LEU A 349 14.71 -27.99 -15.08
CA LEU A 349 14.12 -28.86 -14.02
CA LEU A 349 14.15 -28.72 -13.93
C LEU A 349 15.22 -29.23 -13.01
C LEU A 349 15.30 -29.05 -12.99
N TRP A 350 16.36 -29.68 -13.51
CA TRP A 350 17.47 -30.13 -12.65
C TRP A 350 18.13 -28.94 -11.93
N ALA A 351 18.17 -27.78 -12.57
CA ALA A 351 18.69 -26.54 -11.96
C ALA A 351 17.88 -26.24 -10.71
N LEU A 352 16.55 -26.18 -10.84
CA LEU A 352 15.69 -25.86 -9.68
C LEU A 352 15.81 -26.97 -8.64
N GLY A 353 15.93 -28.22 -9.04
CA GLY A 353 16.06 -29.36 -8.12
C GLY A 353 17.38 -29.36 -7.39
N GLN A 354 18.43 -28.85 -8.05
CA GLN A 354 19.78 -28.78 -7.42
C GLN A 354 19.75 -27.82 -6.22
N TRP A 355 18.84 -26.86 -6.23
CA TRP A 355 18.44 -26.07 -5.05
C TRP A 355 17.49 -26.85 -4.14
N SER A 356 16.35 -27.23 -4.65
CA SER A 356 15.20 -27.64 -3.81
C SER A 356 15.46 -28.96 -3.06
N ARG A 357 16.24 -29.87 -3.64
CA ARG A 357 16.47 -31.18 -3.01
C ARG A 357 17.16 -30.98 -1.67
N PHE A 358 17.94 -29.93 -1.54
CA PHE A 358 18.89 -29.81 -0.39
C PHE A 358 18.56 -28.61 0.48
N VAL A 359 17.91 -27.57 -0.07
CA VAL A 359 17.44 -26.38 0.70
C VAL A 359 15.93 -26.55 0.94
N ARG A 360 15.62 -27.20 2.06
CA ARG A 360 14.24 -27.62 2.34
C ARG A 360 13.50 -26.50 3.05
N PRO A 361 12.15 -26.53 3.01
CA PRO A 361 11.36 -25.51 3.68
C PRO A 361 11.78 -25.27 5.14
N GLY A 362 11.87 -24.01 5.52
CA GLY A 362 12.30 -23.58 6.86
C GLY A 362 13.78 -23.31 6.92
N ALA A 363 14.56 -23.61 5.88
CA ALA A 363 16.01 -23.39 5.91
C ALA A 363 16.26 -21.90 6.12
N ARG A 364 17.33 -21.58 6.83
CA ARG A 364 17.74 -20.19 7.07
C ARG A 364 18.99 -19.92 6.24
N ARG A 365 18.97 -18.91 5.39
CA ARG A 365 20.20 -18.57 4.65
C ARG A 365 21.21 -18.04 5.66
N VAL A 366 22.47 -18.42 5.49
CA VAL A 366 23.57 -18.07 6.42
C VAL A 366 24.78 -17.64 5.60
N ALA A 367 25.72 -16.96 6.26
CA ALA A 367 26.93 -16.44 5.62
C ALA A 367 27.88 -17.58 5.29
N VAL A 368 28.52 -17.44 4.14
CA VAL A 368 29.64 -18.32 3.72
C VAL A 368 30.72 -17.45 3.09
N SER A 369 31.96 -17.70 3.45
CA SER A 369 33.10 -16.89 2.98
C SER A 369 34.12 -17.81 2.35
N GLY A 370 34.94 -17.26 1.47
CA GLY A 370 36.10 -17.98 0.93
C GLY A 370 36.04 -18.13 -0.57
N ALA A 371 34.89 -17.87 -1.18
CA ALA A 371 34.71 -17.89 -2.65
C ALA A 371 35.34 -16.64 -3.25
N SER A 372 35.95 -16.81 -4.42
CA SER A 372 36.22 -15.70 -5.34
C SER A 372 36.28 -16.26 -6.76
N GLY A 373 36.68 -15.41 -7.70
CA GLY A 373 36.87 -15.72 -9.13
C GLY A 373 35.70 -16.47 -9.70
N SER A 374 35.90 -17.75 -10.03
N SER A 374 35.90 -17.75 -10.03
CA SER A 374 34.91 -18.51 -10.85
CA SER A 374 34.92 -18.51 -10.84
C SER A 374 33.76 -19.05 -9.98
C SER A 374 33.88 -19.22 -9.96
N LEU A 375 33.84 -18.95 -8.65
CA LEU A 375 32.84 -19.58 -7.72
C LEU A 375 31.87 -18.55 -7.15
N ARG A 376 30.58 -18.81 -7.30
CA ARG A 376 29.56 -18.09 -6.52
C ARG A 376 28.95 -19.06 -5.54
N THR A 377 28.77 -18.61 -4.31
CA THR A 377 28.40 -19.50 -3.18
C THR A 377 27.27 -18.91 -2.36
N ALA A 378 26.50 -19.79 -1.75
CA ALA A 378 25.51 -19.43 -0.73
C ALA A 378 25.37 -20.63 0.18
N ALA A 379 24.84 -20.40 1.36
CA ALA A 379 24.72 -21.48 2.34
C ALA A 379 23.37 -21.38 3.08
N PHE A 380 22.90 -22.53 3.55
CA PHE A 380 21.54 -22.65 4.13
C PHE A 380 21.59 -23.64 5.27
N ARG A 381 21.04 -23.24 6.41
CA ARG A 381 20.94 -24.15 7.59
C ARG A 381 19.51 -24.69 7.61
N ASN A 382 19.33 -25.95 7.32
CA ASN A 382 18.02 -26.62 7.39
C ASN A 382 17.55 -26.76 8.86
N GLU A 383 16.26 -26.96 9.00
CA GLU A 383 15.61 -27.09 10.34
C GLU A 383 16.18 -28.31 11.06
N ASP A 384 16.71 -29.28 10.35
CA ASP A 384 17.33 -30.50 10.94
C ASP A 384 18.80 -30.28 11.25
N GLY A 385 19.33 -29.06 11.10
CA GLY A 385 20.74 -28.73 11.32
C GLY A 385 21.70 -29.15 10.20
N SER A 386 21.19 -29.79 9.14
CA SER A 386 22.02 -30.04 7.94
C SER A 386 22.31 -28.70 7.30
N VAL A 387 23.53 -28.54 6.79
CA VAL A 387 23.98 -27.25 6.20
C VAL A 387 24.31 -27.52 4.74
N ALA A 388 23.56 -26.90 3.83
CA ALA A 388 23.70 -27.02 2.37
C ALA A 388 24.45 -25.81 1.84
N VAL A 389 25.57 -26.11 1.16
CA VAL A 389 26.44 -25.09 0.56
C VAL A 389 26.38 -25.23 -0.95
N VAL A 390 25.82 -24.22 -1.59
CA VAL A 390 25.69 -24.13 -3.06
C VAL A 390 26.98 -23.54 -3.60
N VAL A 391 27.55 -24.20 -4.61
CA VAL A 391 28.75 -23.69 -5.36
C VAL A 391 28.37 -23.71 -6.84
N ILE A 392 28.31 -22.51 -7.43
CA ILE A 392 28.11 -22.36 -8.89
C ILE A 392 29.49 -22.03 -9.47
N ASN A 393 30.01 -22.94 -10.29
CA ASN A 393 31.40 -22.89 -10.80
C ASN A 393 31.39 -22.62 -12.29
N SER A 394 31.86 -21.44 -12.69
N SER A 394 31.82 -21.42 -12.68
CA SER A 394 31.89 -21.02 -14.13
CA SER A 394 31.94 -20.96 -14.09
C SER A 394 33.25 -21.33 -14.75
C SER A 394 33.14 -21.61 -14.78
N GLY A 395 34.17 -21.93 -14.01
CA GLY A 395 35.50 -22.32 -14.53
C GLY A 395 35.64 -23.81 -14.69
N GLY A 396 36.89 -24.27 -14.71
CA GLY A 396 37.24 -25.69 -14.74
C GLY A 396 36.97 -26.36 -13.40
N ASP A 397 37.16 -27.67 -13.34
CA ASP A 397 37.05 -28.45 -12.09
C ASP A 397 37.79 -27.68 -10.99
N ALA A 398 37.15 -27.51 -9.83
CA ALA A 398 37.64 -26.71 -8.70
C ALA A 398 37.60 -27.62 -7.45
N ALA A 399 38.78 -27.89 -6.85
CA ALA A 399 38.83 -28.56 -5.53
C ALA A 399 38.33 -27.56 -4.50
N VAL A 400 37.35 -27.97 -3.69
CA VAL A 400 36.74 -27.08 -2.67
C VAL A 400 36.67 -27.89 -1.38
N ASN A 401 36.95 -27.23 -0.26
CA ASN A 401 36.77 -27.72 1.13
C ASN A 401 35.62 -26.93 1.74
N VAL A 402 34.72 -27.62 2.39
CA VAL A 402 33.54 -26.99 3.01
C VAL A 402 33.56 -27.31 4.50
N ARG A 403 33.45 -26.29 5.32
CA ARG A 403 33.51 -26.44 6.78
C ARG A 403 32.63 -25.40 7.45
N LEU A 404 32.31 -25.60 8.72
CA LEU A 404 31.71 -24.54 9.56
C LEU A 404 32.82 -23.74 10.22
N ALA A 405 32.56 -22.48 10.52
CA ALA A 405 33.48 -21.58 11.27
C ALA A 405 33.87 -22.21 12.61
N GLN A 413 29.16 -29.34 14.89
CA GLN A 413 30.13 -29.79 13.84
C GLN A 413 29.64 -31.09 13.23
N PRO A 414 29.70 -31.18 11.89
CA PRO A 414 29.11 -32.30 11.16
C PRO A 414 29.83 -33.61 11.44
N ALA A 415 29.09 -34.71 11.28
CA ALA A 415 29.58 -36.10 11.43
C ALA A 415 29.68 -36.81 10.08
N SER A 416 29.04 -36.27 9.04
CA SER A 416 29.13 -36.84 7.67
C SER A 416 28.84 -35.72 6.65
N ALA A 417 29.16 -36.03 5.41
CA ALA A 417 28.87 -35.12 4.28
C ALA A 417 28.48 -35.93 3.07
N LYS A 418 27.71 -35.31 2.20
CA LYS A 418 27.41 -35.81 0.85
C LYS A 418 27.45 -34.62 -0.11
N ALA A 419 27.56 -34.88 -1.41
CA ALA A 419 27.55 -33.83 -2.43
C ALA A 419 26.92 -34.33 -3.71
N TRP A 420 26.25 -33.40 -4.41
CA TRP A 420 25.59 -33.70 -5.69
C TRP A 420 25.91 -32.58 -6.65
N ALA A 421 25.97 -32.87 -7.95
CA ALA A 421 26.20 -31.84 -8.97
C ALA A 421 25.24 -32.02 -10.15
N THR A 422 24.94 -30.89 -10.75
CA THR A 422 24.25 -30.83 -12.05
C THR A 422 25.15 -30.10 -13.04
N ASP A 423 25.31 -30.66 -14.24
CA ASP A 423 26.12 -30.05 -15.32
C ASP A 423 25.64 -30.64 -16.62
N ASN A 424 26.46 -30.59 -17.67
CA ASN A 424 26.02 -31.11 -18.99
C ASN A 424 25.81 -32.60 -18.96
N SER A 425 26.47 -33.36 -18.09
CA SER A 425 26.30 -34.84 -18.09
C SER A 425 25.74 -35.39 -16.77
N ARG A 426 25.41 -34.54 -15.82
CA ARG A 426 24.92 -34.96 -14.48
C ARG A 426 23.59 -34.27 -14.19
N ALA A 427 22.63 -35.03 -13.69
CA ALA A 427 21.31 -34.51 -13.24
C ALA A 427 21.20 -34.77 -11.74
N ILE A 428 21.61 -33.81 -10.93
CA ILE A 428 21.64 -33.98 -9.44
C ILE A 428 22.27 -35.35 -9.10
N GLU A 429 23.48 -35.55 -9.61
CA GLU A 429 24.18 -36.85 -9.49
C GLU A 429 25.09 -36.79 -8.27
N GLU A 430 25.09 -37.80 -7.42
CA GLU A 430 25.99 -37.78 -6.23
C GLU A 430 27.44 -37.81 -6.71
N ILE A 431 28.28 -37.00 -6.06
CA ILE A 431 29.75 -37.03 -6.29
C ILE A 431 30.41 -37.27 -4.94
N GLN A 432 31.72 -37.55 -4.93
CA GLN A 432 32.41 -37.86 -3.68
C GLN A 432 32.50 -36.61 -2.81
N ALA A 433 32.22 -36.79 -1.55
CA ALA A 433 32.45 -35.79 -0.49
C ALA A 433 33.34 -36.45 0.55
N SER A 434 34.64 -36.33 0.39
CA SER A 434 35.58 -36.94 1.35
C SER A 434 35.58 -36.16 2.65
N PHE A 435 35.37 -36.85 3.77
CA PHE A 435 35.03 -36.21 5.04
C PHE A 435 36.13 -36.50 6.08
N ALA A 436 36.78 -35.45 6.57
CA ALA A 436 37.89 -35.57 7.55
C ALA A 436 37.71 -34.50 8.62
N ASP A 437 37.42 -34.90 9.86
N ASP A 437 37.39 -34.90 9.86
CA ASP A 437 37.46 -34.00 11.04
CA ASP A 437 37.46 -33.99 11.03
C ASP A 437 36.58 -32.77 10.78
C ASP A 437 36.58 -32.76 10.77
N GLY A 438 35.36 -32.98 10.29
CA GLY A 438 34.36 -31.90 10.09
C GLY A 438 34.50 -31.16 8.76
N VAL A 439 35.46 -31.53 7.92
CA VAL A 439 35.69 -30.84 6.62
C VAL A 439 35.34 -31.78 5.48
N ALA A 440 34.47 -31.33 4.57
CA ALA A 440 34.11 -32.04 3.33
C ALA A 440 34.99 -31.54 2.19
N THR A 441 35.61 -32.46 1.46
CA THR A 441 36.43 -32.08 0.29
C THR A 441 35.79 -32.69 -0.94
N VAL A 442 35.58 -31.81 -1.92
N VAL A 442 35.54 -31.84 -1.93
CA VAL A 442 34.81 -32.16 -3.14
CA VAL A 442 34.74 -32.20 -3.13
C VAL A 442 35.57 -31.62 -4.36
C VAL A 442 35.43 -31.58 -4.36
N ASN A 443 35.40 -32.30 -5.47
CA ASN A 443 35.82 -31.77 -6.79
C ASN A 443 34.57 -31.20 -7.44
N VAL A 444 34.40 -29.88 -7.42
CA VAL A 444 33.22 -29.21 -8.04
C VAL A 444 33.44 -29.25 -9.54
N PRO A 445 32.63 -30.01 -10.32
CA PRO A 445 32.84 -30.07 -11.76
C PRO A 445 32.77 -28.71 -12.47
N SER A 446 33.46 -28.69 -13.62
N SER A 446 33.56 -28.58 -13.54
CA SER A 446 33.47 -27.56 -14.57
CA SER A 446 33.55 -27.37 -14.40
C SER A 446 32.03 -27.08 -14.89
C SER A 446 32.11 -27.06 -14.82
N ARG A 447 31.79 -25.77 -14.86
CA ARG A 447 30.49 -25.24 -15.33
C ARG A 447 29.36 -26.07 -14.73
N SER A 448 29.29 -26.11 -13.41
CA SER A 448 28.33 -26.94 -12.66
C SER A 448 27.70 -26.12 -11.57
N MET A 449 26.57 -26.61 -11.09
CA MET A 449 26.08 -26.23 -9.76
C MET A 449 26.22 -27.48 -8.91
N THR A 450 26.99 -27.33 -7.85
CA THR A 450 27.25 -28.41 -6.88
C THR A 450 26.67 -27.99 -5.53
N THR A 451 26.02 -28.89 -4.82
CA THR A 451 25.55 -28.66 -3.43
C THR A 451 26.23 -29.68 -2.53
N VAL A 452 26.94 -29.16 -1.53
CA VAL A 452 27.65 -29.99 -0.53
C VAL A 452 26.84 -29.88 0.75
N VAL A 453 26.53 -31.00 1.38
CA VAL A 453 25.65 -30.98 2.57
C VAL A 453 26.44 -31.56 3.73
N LEU A 454 26.50 -30.81 4.82
CA LEU A 454 27.18 -31.25 6.06
C LEU A 454 26.07 -31.64 7.04
N TYR A 455 26.15 -32.86 7.57
CA TYR A 455 25.08 -33.43 8.42
C TYR A 455 25.54 -33.61 9.86
N PRO A 456 24.75 -33.17 10.85
CA PRO A 456 24.99 -33.64 12.22
C PRO A 456 24.74 -35.16 12.32
N ALA A 457 25.25 -35.77 13.40
CA ALA A 457 25.02 -37.19 13.77
C ALA A 457 23.53 -37.48 14.00
N GLY B 9 -41.91 9.90 1.16
CA GLY B 9 -41.49 10.79 2.29
C GLY B 9 -40.99 12.13 1.78
N THR B 10 -39.76 12.50 2.13
CA THR B 10 -39.06 13.69 1.57
C THR B 10 -38.28 13.25 0.33
N THR B 11 -38.39 13.98 -0.78
CA THR B 11 -37.57 13.77 -2.00
C THR B 11 -36.58 14.93 -2.14
N LEU B 12 -35.29 14.58 -2.17
CA LEU B 12 -34.18 15.53 -2.39
C LEU B 12 -33.76 15.41 -3.85
N THR B 13 -33.92 16.50 -4.57
CA THR B 13 -33.67 16.59 -6.02
C THR B 13 -32.41 17.43 -6.19
N VAL B 14 -31.37 16.80 -6.74
CA VAL B 14 -30.05 17.46 -6.99
C VAL B 14 -30.09 18.11 -8.37
N ASP B 15 -29.85 19.42 -8.45
CA ASP B 15 -29.79 20.16 -9.73
C ASP B 15 -28.33 20.42 -10.08
N LEU B 16 -27.78 19.61 -10.98
CA LEU B 16 -26.35 19.69 -11.36
C LEU B 16 -26.09 20.95 -12.19
N SER B 17 -27.13 21.68 -12.61
CA SER B 17 -26.99 22.91 -13.45
C SER B 17 -26.74 24.15 -12.60
N THR B 18 -26.93 24.06 -11.27
CA THR B 18 -26.69 25.16 -10.31
C THR B 18 -25.49 24.74 -9.43
N THR B 19 -24.38 25.46 -9.55
CA THR B 19 -23.10 25.09 -8.90
C THR B 19 -22.60 26.22 -7.99
N TYR B 20 -21.84 25.82 -6.99
CA TYR B 20 -21.20 26.75 -6.02
C TYR B 20 -19.69 26.51 -6.06
N GLN B 21 -19.05 26.45 -4.89
CA GLN B 21 -17.58 26.35 -4.82
C GLN B 21 -17.13 24.90 -5.04
N ARG B 22 -15.83 24.76 -5.34
CA ARG B 22 -15.13 23.47 -5.38
C ARG B 22 -14.77 23.08 -3.94
N ILE B 23 -14.77 21.79 -3.69
CA ILE B 23 -14.26 21.30 -2.38
C ILE B 23 -12.87 20.70 -2.62
N ASP B 24 -11.86 21.22 -1.92
CA ASP B 24 -10.47 20.74 -1.97
C ASP B 24 -10.28 19.61 -0.94
N GLY B 25 -11.08 19.54 0.12
CA GLY B 25 -10.98 18.42 1.06
C GLY B 25 -11.20 18.79 2.50
N PHE B 26 -10.78 17.89 3.38
CA PHE B 26 -10.99 17.92 4.84
C PHE B 26 -9.74 17.37 5.47
N GLY B 27 -9.32 17.93 6.59
CA GLY B 27 -8.07 17.46 7.19
C GLY B 27 -7.80 17.99 8.57
N THR B 28 -6.53 17.94 8.92
CA THR B 28 -6.03 18.33 10.26
C THR B 28 -4.52 18.45 10.22
N SER B 29 -3.95 18.66 11.38
CA SER B 29 -2.50 18.86 11.58
C SER B 29 -1.96 17.92 12.66
N GLU B 30 -0.67 17.69 12.62
CA GLU B 30 0.09 17.03 13.73
C GLU B 30 1.30 17.88 14.09
N ALA B 31 1.17 19.20 13.95
CA ALA B 31 2.19 20.19 14.32
C ALA B 31 2.47 20.17 15.83
N PHE B 32 3.48 20.93 16.23
CA PHE B 32 3.88 21.10 17.66
C PHE B 32 4.06 19.75 18.34
N GLN B 33 4.73 18.85 17.64
CA GLN B 33 5.13 17.51 18.16
C GLN B 33 3.91 16.63 18.45
N ARG B 34 2.73 16.94 17.94
CA ARG B 34 1.61 15.97 18.10
C ARG B 34 2.01 14.72 17.30
N ALA B 35 2.73 14.87 16.19
CA ALA B 35 3.25 13.73 15.39
C ALA B 35 4.29 12.96 16.21
N VAL B 36 5.05 13.60 17.07
CA VAL B 36 6.02 12.89 17.96
C VAL B 36 5.24 12.05 18.98
N GLN B 37 4.14 12.56 19.54
CA GLN B 37 3.23 11.81 20.43
C GLN B 37 2.72 10.56 19.70
N MET B 38 2.36 10.68 18.43
CA MET B 38 1.89 9.51 17.66
C MET B 38 3.06 8.53 17.51
N SER B 39 4.29 9.02 17.30
CA SER B 39 5.48 8.19 16.99
C SER B 39 5.88 7.35 18.23
N ARG B 40 5.43 7.71 19.43
CA ARG B 40 5.81 7.01 20.69
C ARG B 40 4.84 5.85 20.96
N LEU B 41 3.69 5.79 20.28
CA LEU B 41 2.76 4.64 20.37
C LEU B 41 3.44 3.35 19.89
N PRO B 42 2.96 2.20 20.39
CA PRO B 42 3.31 0.91 19.80
C PRO B 42 2.88 0.92 18.32
N GLU B 43 3.52 0.07 17.51
CA GLU B 43 3.22 -0.10 16.06
C GLU B 43 1.71 -0.22 15.81
N GLU B 44 1.00 -1.04 16.60
CA GLU B 44 -0.46 -1.27 16.41
C GLU B 44 -1.20 0.06 16.63
N GLY B 45 -0.84 0.80 17.68
CA GLY B 45 -1.45 2.10 17.98
C GLY B 45 -1.13 3.13 16.92
N GLN B 46 0.11 3.16 16.43
CA GLN B 46 0.50 4.09 15.32
C GLN B 46 -0.39 3.81 14.10
N ARG B 47 -0.52 2.54 13.70
CA ARG B 47 -1.35 2.16 12.54
C ARG B 47 -2.82 2.54 12.77
N ARG B 48 -3.35 2.35 13.98
N ARG B 48 -3.33 2.33 13.97
CA ARG B 48 -4.78 2.63 14.28
CA ARG B 48 -4.75 2.65 14.28
C ARG B 48 -5.02 4.15 14.21
C ARG B 48 -4.94 4.15 14.09
N ALA B 49 -4.08 4.96 14.69
CA ALA B 49 -4.16 6.43 14.62
C ALA B 49 -4.15 6.90 13.16
N LEU B 50 -3.24 6.34 12.37
CA LEU B 50 -3.10 6.70 10.93
C LEU B 50 -4.34 6.25 10.17
N ASP B 51 -4.82 5.02 10.42
CA ASP B 51 -6.06 4.53 9.78
C ASP B 51 -7.23 5.47 10.07
N VAL B 52 -7.51 5.77 11.34
CA VAL B 52 -8.75 6.51 11.67
C VAL B 52 -8.64 7.91 11.06
N LEU B 53 -7.44 8.47 10.90
CA LEU B 53 -7.31 9.81 10.24
C LEU B 53 -7.47 9.68 8.72
N PHE B 54 -6.76 8.76 8.07
CA PHE B 54 -6.56 8.85 6.59
C PHE B 54 -7.26 7.73 5.83
N SER B 55 -7.66 6.64 6.47
CA SER B 55 -8.19 5.48 5.70
C SER B 55 -9.50 5.85 5.00
N THR B 56 -9.60 5.56 3.71
CA THR B 56 -10.86 5.71 2.94
C THR B 56 -11.76 4.46 3.07
N THR B 57 -11.38 3.48 3.89
CA THR B 57 -12.16 2.23 4.11
C THR B 57 -12.59 2.09 5.56
N ASN B 58 -11.74 2.45 6.53
CA ASN B 58 -12.06 2.20 7.96
C ASN B 58 -11.75 3.43 8.80
N GLY B 59 -11.56 4.59 8.15
CA GLY B 59 -11.33 5.83 8.91
C GLY B 59 -12.10 7.02 8.33
N ALA B 60 -11.62 8.21 8.66
CA ALA B 60 -12.25 9.48 8.25
C ALA B 60 -11.86 9.88 6.83
N GLY B 61 -10.89 9.21 6.20
CA GLY B 61 -10.56 9.52 4.80
C GLY B 61 -10.14 10.98 4.65
N LEU B 62 -9.46 11.54 5.64
CA LEU B 62 -9.03 12.97 5.54
C LEU B 62 -8.10 13.10 4.34
N SER B 63 -8.30 14.16 3.56
CA SER B 63 -7.68 14.36 2.23
C SER B 63 -6.68 15.51 2.25
N ILE B 64 -6.53 16.22 3.36
CA ILE B 64 -5.52 17.30 3.48
C ILE B 64 -4.76 17.14 4.78
N LEU B 65 -3.43 17.29 4.75
CA LEU B 65 -2.61 17.36 5.97
C LEU B 65 -1.99 18.75 5.98
N ARG B 66 -2.11 19.45 7.11
CA ARG B 66 -1.45 20.75 7.36
C ARG B 66 -0.27 20.50 8.31
N ASN B 67 0.93 20.86 7.88
CA ASN B 67 2.19 20.69 8.65
C ASN B 67 2.70 22.08 9.03
N GLY B 68 3.39 22.17 10.17
CA GLY B 68 4.11 23.40 10.54
C GLY B 68 5.52 23.40 10.01
N ILE B 69 6.00 24.54 9.54
CA ILE B 69 7.41 24.70 9.12
C ILE B 69 8.13 25.21 10.35
N GLY B 70 8.82 24.34 11.05
CA GLY B 70 9.34 24.66 12.39
C GLY B 70 10.27 25.84 12.38
N SER B 71 10.19 26.64 13.43
CA SER B 71 10.98 27.89 13.53
C SER B 71 11.95 27.90 14.71
N SER B 72 11.90 26.89 15.55
CA SER B 72 12.53 26.94 16.90
C SER B 72 13.96 26.39 16.81
N PRO B 73 14.83 26.80 17.76
CA PRO B 73 16.21 26.29 17.79
C PRO B 73 16.36 24.81 18.11
N ASP B 74 15.37 24.20 18.78
CA ASP B 74 15.43 22.77 19.18
C ASP B 74 14.01 22.23 19.41
N MET B 75 13.91 20.96 19.86
CA MET B 75 12.62 20.28 20.15
C MET B 75 12.28 20.26 21.66
N SER B 76 12.74 21.27 22.40
N SER B 76 12.76 21.23 22.44
CA SER B 76 12.27 21.55 23.79
CA SER B 76 12.32 21.38 23.85
C SER B 76 10.75 21.57 23.78
C SER B 76 10.82 21.65 23.85
N SER B 77 10.12 21.22 24.90
CA SER B 77 8.66 21.40 25.08
C SER B 77 7.96 20.74 23.88
N ASP B 78 7.00 21.42 23.27
CA ASP B 78 6.32 20.93 22.05
C ASP B 78 6.80 21.71 20.82
N HIS B 79 7.98 22.33 20.91
CA HIS B 79 8.49 23.20 19.82
C HIS B 79 8.84 22.38 18.56
N MET B 80 8.62 22.97 17.40
CA MET B 80 9.05 22.40 16.11
C MET B 80 10.40 22.99 15.75
N VAL B 81 11.43 22.16 15.76
CA VAL B 81 12.78 22.62 15.38
C VAL B 81 12.78 22.98 13.89
N SER B 82 13.52 24.04 13.59
CA SER B 82 13.74 24.56 12.22
C SER B 82 14.72 23.67 11.46
N ILE B 83 14.61 23.68 10.13
CA ILE B 83 15.66 23.12 9.22
C ILE B 83 16.90 24.01 9.23
N ALA B 84 16.83 25.26 9.69
CA ALA B 84 17.99 26.19 9.71
C ALA B 84 18.02 26.95 11.01
N PRO B 85 18.25 26.26 12.16
CA PRO B 85 18.16 26.92 13.46
C PRO B 85 19.29 27.92 13.81
N LYS B 86 20.47 27.80 13.20
CA LYS B 86 21.65 28.65 13.48
C LYS B 86 21.80 29.72 12.40
N SER B 87 21.97 30.97 12.80
CA SER B 87 22.21 32.11 11.88
C SER B 87 23.46 31.84 11.05
N PRO B 88 23.47 32.17 9.74
CA PRO B 88 24.67 32.16 8.90
C PRO B 88 25.48 33.45 9.01
N GLY B 89 25.07 34.40 9.86
CA GLY B 89 25.85 35.62 10.17
C GLY B 89 25.52 36.84 9.32
N SER B 90 24.84 36.67 8.18
CA SER B 90 24.36 37.76 7.29
C SER B 90 23.22 37.18 6.48
N PRO B 91 22.17 37.96 6.11
CA PRO B 91 21.16 37.47 5.17
C PRO B 91 21.71 37.19 3.77
N ASN B 92 22.92 37.71 3.46
CA ASN B 92 23.57 37.47 2.15
C ASN B 92 24.37 36.16 2.14
N ASN B 93 24.54 35.49 3.28
CA ASN B 93 25.23 34.18 3.33
C ASN B 93 24.23 33.07 3.09
N PRO B 94 24.58 32.01 2.33
CA PRO B 94 23.77 30.80 2.26
C PRO B 94 23.35 30.35 3.66
N LEU B 95 22.08 30.01 3.82
CA LEU B 95 21.60 29.49 5.11
C LEU B 95 22.31 28.17 5.42
N ILE B 96 22.37 27.86 6.70
CA ILE B 96 22.99 26.61 7.23
C ILE B 96 21.84 25.65 7.51
N TYR B 97 21.62 24.69 6.62
CA TYR B 97 20.55 23.69 6.78
C TYR B 97 21.09 22.50 7.57
N SER B 98 20.32 22.08 8.58
N SER B 98 20.28 21.96 8.49
CA SER B 98 20.54 20.84 9.34
CA SER B 98 20.63 20.76 9.30
C SER B 98 19.23 20.03 9.23
C SER B 98 19.44 19.79 9.27
N TRP B 99 19.01 19.42 8.08
CA TRP B 99 17.83 18.55 7.84
C TRP B 99 17.98 17.22 8.60
N ASP B 100 17.06 16.91 9.52
CA ASP B 100 17.21 15.74 10.42
C ASP B 100 16.45 14.52 9.85
N GLY B 101 15.84 14.65 8.68
CA GLY B 101 15.04 13.58 8.04
C GLY B 101 13.76 13.26 8.81
N SER B 102 13.35 14.11 9.74
CA SER B 102 12.16 13.88 10.59
C SER B 102 11.16 15.03 10.45
N ASP B 103 11.62 16.28 10.57
CA ASP B 103 10.69 17.45 10.62
C ASP B 103 9.61 17.25 11.70
N ASN B 104 10.04 16.96 12.94
CA ASN B 104 9.15 16.95 14.13
C ASN B 104 8.12 15.85 13.96
N LYS B 105 8.59 14.76 13.33
CA LYS B 105 7.83 13.52 12.97
C LYS B 105 6.72 13.83 11.95
N GLN B 106 6.68 15.02 11.35
CA GLN B 106 5.64 15.32 10.33
C GLN B 106 5.99 14.65 9.01
N LEU B 107 7.25 14.38 8.71
CA LEU B 107 7.60 13.73 7.42
C LEU B 107 7.02 12.32 7.43
N TRP B 108 7.15 11.62 8.54
CA TRP B 108 6.58 10.26 8.73
C TRP B 108 5.07 10.33 8.50
N VAL B 109 4.38 11.24 9.18
CA VAL B 109 2.89 11.30 9.02
C VAL B 109 2.57 11.62 7.55
N SER B 110 3.32 12.51 6.95
CA SER B 110 3.12 12.91 5.52
C SER B 110 3.35 11.70 4.61
N GLN B 111 4.45 10.98 4.83
CA GLN B 111 4.80 9.83 3.95
C GLN B 111 3.71 8.76 4.06
N GLU B 112 3.20 8.53 5.25
CA GLU B 112 2.07 7.61 5.48
C GLU B 112 0.85 8.16 4.75
N ALA B 113 0.45 9.39 5.02
CA ALA B 113 -0.75 9.97 4.39
C ALA B 113 -0.69 9.80 2.87
N VAL B 114 0.45 10.16 2.27
CA VAL B 114 0.58 10.17 0.80
C VAL B 114 0.68 8.73 0.28
N HIS B 115 1.67 7.97 0.75
CA HIS B 115 2.09 6.67 0.12
C HIS B 115 1.20 5.54 0.63
N THR B 116 0.71 5.57 1.87
CA THR B 116 -0.17 4.50 2.38
C THR B 116 -1.62 4.83 2.05
N TYR B 117 -2.06 6.09 2.20
CA TYR B 117 -3.51 6.39 2.17
C TYR B 117 -3.94 7.22 0.95
N GLY B 118 -3.02 7.66 0.09
CA GLY B 118 -3.36 8.33 -1.19
C GLY B 118 -3.60 9.82 -1.07
N VAL B 119 -3.22 10.43 0.04
CA VAL B 119 -3.44 11.90 0.20
C VAL B 119 -2.57 12.63 -0.82
N LYS B 120 -3.12 13.68 -1.43
CA LYS B 120 -2.45 14.40 -2.53
C LYS B 120 -2.27 15.88 -2.18
N THR B 121 -2.76 16.32 -1.03
CA THR B 121 -2.74 17.75 -0.68
C THR B 121 -2.01 17.90 0.64
N ILE B 122 -0.90 18.63 0.63
CA ILE B 122 0.01 18.82 1.79
C ILE B 122 0.25 20.32 1.91
N TYR B 123 -0.30 20.91 2.96
CA TYR B 123 -0.20 22.37 3.18
C TYR B 123 0.85 22.58 4.27
N ALA B 124 1.98 23.20 3.92
CA ALA B 124 3.05 23.54 4.87
C ALA B 124 2.94 25.01 5.21
N ASP B 125 2.85 25.33 6.49
CA ASP B 125 2.65 26.72 6.98
C ASP B 125 3.65 27.01 8.09
N ALA B 126 4.40 28.09 7.98
CA ALA B 126 5.28 28.63 9.05
C ALA B 126 4.46 29.49 10.00
N TRP B 127 4.61 29.26 11.30
CA TRP B 127 4.07 30.17 12.35
C TRP B 127 5.05 31.34 12.55
N SER B 128 6.30 31.14 12.20
CA SER B 128 7.33 32.20 12.30
C SER B 128 8.50 31.86 11.38
N ALA B 129 9.28 32.87 11.07
CA ALA B 129 10.66 32.71 10.60
C ALA B 129 11.55 32.36 11.78
N PRO B 130 12.73 31.76 11.53
CA PRO B 130 13.73 31.59 12.57
C PRO B 130 14.02 32.93 13.25
N GLY B 131 14.33 32.88 14.54
CA GLY B 131 14.58 34.07 15.37
C GLY B 131 15.53 35.06 14.71
N TYR B 132 16.62 34.57 14.11
CA TYR B 132 17.72 35.45 13.62
C TYR B 132 17.24 36.26 12.41
N MET B 133 16.08 35.93 11.85
CA MET B 133 15.53 36.71 10.71
C MET B 133 14.55 37.81 11.19
N LYS B 134 14.35 37.96 12.50
CA LYS B 134 13.23 38.78 13.04
C LYS B 134 13.74 39.95 13.86
N THR B 135 12.88 40.93 14.00
CA THR B 135 13.21 42.19 14.71
C THR B 135 13.51 41.92 16.18
N ASN B 136 12.94 40.87 16.77
CA ASN B 136 13.10 40.54 18.22
C ASN B 136 14.12 39.41 18.42
N GLY B 137 14.70 38.86 17.35
CA GLY B 137 15.72 37.81 17.51
C GLY B 137 15.15 36.51 18.08
N ASN B 138 13.85 36.28 17.99
CA ASN B 138 13.20 35.12 18.67
C ASN B 138 12.08 34.62 17.76
N ASP B 139 11.90 33.30 17.60
CA ASP B 139 10.75 32.77 16.83
C ASP B 139 9.45 32.88 17.63
N ALA B 140 9.53 32.96 18.95
CA ALA B 140 8.38 33.18 19.86
C ALA B 140 8.20 34.68 20.13
N ASN B 141 7.09 35.06 20.74
CA ASN B 141 6.86 36.41 21.30
C ASN B 141 6.74 37.44 20.17
N GLY B 142 6.10 37.08 19.07
CA GLY B 142 5.83 38.04 17.99
C GLY B 142 7.08 38.51 17.28
N GLY B 143 7.20 39.82 17.07
CA GLY B 143 8.24 40.35 16.19
C GLY B 143 7.90 40.17 14.73
N THR B 144 8.61 40.87 13.86
N THR B 144 8.68 40.80 13.86
CA THR B 144 8.35 40.82 12.40
CA THR B 144 8.39 40.77 12.41
C THR B 144 9.61 40.36 11.67
C THR B 144 9.65 40.49 11.60
N LEU B 145 9.46 40.01 10.39
CA LEU B 145 10.56 39.68 9.46
C LEU B 145 11.38 40.94 9.14
N CYS B 146 12.67 40.86 9.43
CA CYS B 146 13.64 41.95 9.17
C CYS B 146 13.66 42.29 7.69
N GLY B 147 13.49 43.57 7.42
CA GLY B 147 13.59 44.09 6.04
C GLY B 147 12.25 44.47 5.45
N LEU B 148 11.14 44.02 6.05
CA LEU B 148 9.82 44.50 5.60
C LEU B 148 9.70 46.01 5.83
N SER B 149 8.72 46.63 5.21
CA SER B 149 8.43 48.06 5.43
C SER B 149 8.18 48.28 6.92
N GLY B 150 8.88 49.23 7.52
CA GLY B 150 8.75 49.54 8.96
C GLY B 150 9.50 48.59 9.85
N ALA B 151 10.32 47.69 9.30
CA ALA B 151 11.07 46.64 10.06
C ALA B 151 12.52 46.56 9.59
N GLN B 152 13.19 47.69 9.43
CA GLN B 152 14.62 47.71 8.97
C GLN B 152 15.52 47.38 10.17
N CYS B 153 16.26 46.28 10.05
CA CYS B 153 17.12 45.70 11.11
C CYS B 153 18.60 46.05 10.88
N ALA B 154 19.32 46.25 11.98
CA ALA B 154 20.80 46.34 12.00
C ALA B 154 21.40 45.09 11.34
N SER B 155 20.81 43.90 11.56
CA SER B 155 21.35 42.61 11.04
C SER B 155 21.18 42.50 9.52
N GLY B 156 20.27 43.27 8.92
CA GLY B 156 20.11 43.26 7.46
C GLY B 156 18.70 42.91 7.06
N ASP B 157 18.51 42.84 5.76
CA ASP B 157 17.22 42.55 5.13
C ASP B 157 17.15 41.04 4.89
N TRP B 158 16.29 40.34 5.63
CA TRP B 158 16.17 38.86 5.57
C TRP B 158 14.98 38.42 4.72
N ARG B 159 14.37 39.31 3.96
CA ARG B 159 13.16 38.89 3.21
C ARG B 159 13.51 37.80 2.19
N GLN B 160 14.52 38.03 1.34
CA GLN B 160 14.88 37.01 0.32
C GLN B 160 15.34 35.72 1.04
N ALA B 161 16.09 35.84 2.14
CA ALA B 161 16.59 34.67 2.91
C ALA B 161 15.38 33.83 3.37
N TYR B 162 14.32 34.46 3.83
CA TYR B 162 13.13 33.72 4.34
C TYR B 162 12.45 33.02 3.16
N ALA B 163 12.33 33.68 2.02
CA ALA B 163 11.76 33.04 0.81
C ALA B 163 12.62 31.84 0.40
N ASP B 164 13.95 31.96 0.50
CA ASP B 164 14.84 30.85 0.10
C ASP B 164 14.63 29.71 1.09
N TYR B 165 14.54 30.02 2.37
CA TYR B 165 14.32 29.03 3.46
C TYR B 165 13.04 28.23 3.22
N LEU B 166 11.93 28.91 2.94
CA LEU B 166 10.65 28.22 2.71
C LEU B 166 10.78 27.32 1.48
N THR B 167 11.41 27.81 0.41
CA THR B 167 11.65 27.03 -0.82
C THR B 167 12.46 25.78 -0.47
N LYS B 168 13.53 25.92 0.33
CA LYS B 168 14.38 24.78 0.74
C LYS B 168 13.56 23.78 1.55
N TYR B 169 12.74 24.23 2.47
CA TYR B 169 11.89 23.31 3.23
C TYR B 169 11.10 22.43 2.25
N VAL B 170 10.48 23.05 1.23
CA VAL B 170 9.64 22.30 0.24
C VAL B 170 10.56 21.33 -0.51
N GLU B 171 11.79 21.73 -0.80
CA GLU B 171 12.76 20.86 -1.54
C GLU B 171 13.12 19.66 -0.67
N PHE B 172 13.32 19.83 0.62
CA PHE B 172 13.64 18.69 1.52
C PHE B 172 12.50 17.68 1.52
N TYR B 173 11.24 18.15 1.47
CA TYR B 173 10.08 17.25 1.40
C TYR B 173 10.13 16.52 0.05
N GLN B 174 10.34 17.25 -1.04
CA GLN B 174 10.38 16.69 -2.40
C GLN B 174 11.46 15.59 -2.45
N GLU B 175 12.62 15.81 -1.84
CA GLU B 175 13.74 14.82 -1.86
C GLU B 175 13.36 13.61 -1.00
N SER B 176 12.36 13.73 -0.13
CA SER B 176 11.82 12.62 0.69
C SER B 176 10.51 12.08 0.09
N ASN B 177 10.23 12.34 -1.19
CA ASN B 177 9.10 11.78 -1.96
C ASN B 177 7.76 12.27 -1.40
N VAL B 178 7.70 13.52 -0.91
CA VAL B 178 6.41 14.15 -0.55
C VAL B 178 6.36 15.51 -1.22
N THR B 179 5.32 15.74 -2.00
CA THR B 179 5.07 17.03 -2.70
C THR B 179 4.26 17.94 -1.81
N VAL B 180 4.85 19.03 -1.34
CA VAL B 180 4.07 20.12 -0.68
C VAL B 180 3.31 20.85 -1.78
N THR B 181 1.99 20.96 -1.67
CA THR B 181 1.15 21.55 -2.74
C THR B 181 0.76 23.02 -2.41
N HIS B 182 0.83 23.41 -1.15
CA HIS B 182 0.39 24.75 -0.66
C HIS B 182 1.37 25.18 0.40
N LEU B 183 1.73 26.47 0.36
CA LEU B 183 2.79 27.02 1.21
C LEU B 183 2.32 28.31 1.88
N GLY B 184 2.33 28.32 3.21
CA GLY B 184 2.06 29.52 4.03
C GLY B 184 3.29 29.97 4.78
N PHE B 185 3.44 31.28 5.03
CA PHE B 185 4.66 31.87 5.63
C PHE B 185 4.33 32.58 6.94
N ILE B 186 3.05 32.65 7.35
CA ILE B 186 2.60 33.25 8.63
C ILE B 186 1.43 32.43 9.15
N ASN B 187 1.20 32.58 10.45
CA ASN B 187 0.03 32.03 11.14
C ASN B 187 -0.42 33.09 12.13
N ALA B 188 -1.71 33.43 12.17
CA ALA B 188 -2.26 34.38 13.19
C ALA B 188 -1.37 35.61 13.21
N PRO B 189 -1.21 36.26 12.05
CA PRO B 189 -0.29 37.40 11.93
C PRO B 189 -0.73 38.60 12.78
N GLU B 190 -1.97 38.57 13.27
CA GLU B 190 -2.52 39.65 14.13
C GLU B 190 -2.24 39.38 15.61
N LEU B 191 -1.59 38.28 15.98
CA LEU B 191 -1.45 37.85 17.38
C LEU B 191 0.00 37.56 17.74
N THR B 192 0.47 38.15 18.83
CA THR B 192 1.73 37.78 19.51
C THR B 192 1.36 36.74 20.55
N THR B 193 2.09 35.65 20.58
CA THR B 193 1.89 34.57 21.58
C THR B 193 3.22 34.23 22.24
N SER B 194 3.16 33.41 23.30
CA SER B 194 4.34 32.94 24.06
C SER B 194 5.07 31.85 23.27
N TYR B 195 4.47 31.37 22.16
CA TYR B 195 5.01 30.28 21.31
C TYR B 195 5.32 30.90 19.93
N ALA B 196 5.63 30.06 18.95
CA ALA B 196 6.02 30.50 17.60
C ALA B 196 4.92 31.45 17.10
N SER B 197 5.33 32.67 16.77
CA SER B 197 4.39 33.72 16.31
C SER B 197 5.18 34.78 15.57
N MET B 198 4.52 35.51 14.69
CA MET B 198 5.20 36.50 13.86
C MET B 198 4.12 37.44 13.33
N ARG B 199 4.38 38.73 13.48
CA ARG B 199 3.43 39.82 13.21
C ARG B 199 3.69 40.38 11.83
N PHE B 200 2.69 40.30 10.98
CA PHE B 200 2.67 40.95 9.65
C PHE B 200 1.36 41.71 9.53
N SER B 201 1.41 42.95 9.03
CA SER B 201 0.20 43.63 8.52
C SER B 201 -0.17 42.99 7.17
N ALA B 202 -1.38 43.25 6.71
CA ALA B 202 -1.80 42.78 5.37
C ALA B 202 -0.88 43.37 4.31
N SER B 203 -0.45 44.61 4.49
N SER B 203 -0.43 44.61 4.46
CA SER B 203 0.49 45.26 3.53
CA SER B 203 0.52 45.22 3.48
C SER B 203 1.84 44.53 3.52
C SER B 203 1.86 44.49 3.51
N GLN B 204 2.35 44.13 4.68
CA GLN B 204 3.63 43.37 4.80
C GLN B 204 3.45 42.00 4.13
N ALA B 205 2.29 41.38 4.27
CA ALA B 205 2.04 40.06 3.63
C ALA B 205 2.13 40.22 2.12
N ALA B 206 1.50 41.25 1.54
CA ALA B 206 1.56 41.51 0.08
C ALA B 206 3.03 41.74 -0.31
N GLU B 207 3.78 42.52 0.45
CA GLU B 207 5.21 42.80 0.19
C GLU B 207 5.99 41.48 0.12
N PHE B 208 5.74 40.59 1.06
CA PHE B 208 6.49 39.31 1.11
C PHE B 208 6.06 38.41 -0.05
N ILE B 209 4.78 38.38 -0.37
CA ILE B 209 4.29 37.54 -1.50
C ILE B 209 5.04 37.93 -2.78
N ARG B 210 5.28 39.23 -2.98
N ARG B 210 5.28 39.23 -2.98
CA ARG B 210 5.97 39.72 -4.20
CA ARG B 210 5.97 39.72 -4.21
C ARG B 210 7.40 39.15 -4.29
C ARG B 210 7.41 39.17 -4.28
N ILE B 211 8.01 38.82 -3.15
CA ILE B 211 9.37 38.23 -3.07
C ILE B 211 9.29 36.71 -3.14
N LEU B 212 8.37 36.09 -2.40
CA LEU B 212 8.24 34.62 -2.35
C LEU B 212 7.84 34.06 -3.72
N TYR B 213 6.89 34.70 -4.41
CA TYR B 213 6.34 34.14 -5.68
C TYR B 213 7.44 33.95 -6.72
N PRO B 214 8.24 34.98 -7.12
CA PRO B 214 9.31 34.73 -8.09
C PRO B 214 10.36 33.73 -7.58
N THR B 215 10.62 33.69 -6.26
CA THR B 215 11.59 32.74 -5.68
C THR B 215 11.14 31.31 -5.98
N ILE B 216 9.86 31.02 -5.75
CA ILE B 216 9.27 29.69 -6.06
C ILE B 216 9.32 29.47 -7.58
N GLN B 217 8.93 30.47 -8.37
CA GLN B 217 8.76 30.25 -9.84
C GLN B 217 10.13 29.97 -10.46
N LYS B 218 11.21 30.56 -9.92
CA LYS B 218 12.58 30.44 -10.47
C LYS B 218 13.29 29.23 -9.90
N SER B 219 12.76 28.60 -8.86
CA SER B 219 13.35 27.42 -8.21
C SER B 219 13.34 26.20 -9.13
N ASN B 220 14.05 25.15 -8.75
CA ASN B 220 14.01 23.87 -9.53
C ASN B 220 13.10 22.88 -8.81
N LEU B 221 12.21 23.34 -7.90
CA LEU B 221 11.11 22.51 -7.38
C LEU B 221 10.36 21.84 -8.52
N THR B 222 10.14 20.54 -8.41
CA THR B 222 9.37 19.75 -9.42
C THR B 222 7.95 20.31 -9.52
N TYR B 223 7.30 20.53 -8.38
CA TYR B 223 5.96 21.15 -8.32
C TYR B 223 6.05 22.47 -7.55
N LYS B 224 5.62 23.54 -8.20
CA LYS B 224 5.64 24.90 -7.60
C LYS B 224 4.41 25.02 -6.72
N PRO B 225 4.54 25.04 -5.37
CA PRO B 225 3.35 25.08 -4.54
C PRO B 225 2.64 26.42 -4.64
N THR B 226 1.31 26.37 -4.46
CA THR B 226 0.45 27.58 -4.37
C THR B 226 0.66 28.28 -3.03
N ILE B 227 0.94 29.59 -3.07
CA ILE B 227 1.12 30.42 -1.85
C ILE B 227 -0.26 30.66 -1.26
N ALA B 228 -0.33 30.52 0.06
CA ALA B 228 -1.54 30.75 0.87
C ALA B 228 -1.34 32.00 1.75
N CYS B 229 -2.43 32.67 2.12
CA CYS B 229 -2.36 33.71 3.17
C CYS B 229 -3.75 33.82 3.78
N CYS B 230 -3.84 34.07 5.11
CA CYS B 230 -2.78 34.42 6.03
C CYS B 230 -2.97 33.65 7.33
N ASP B 231 -3.87 32.67 7.35
CA ASP B 231 -4.15 31.92 8.60
C ASP B 231 -4.49 32.90 9.74
N ALA B 232 -5.26 33.93 9.45
CA ALA B 232 -5.80 34.78 10.52
C ALA B 232 -6.73 33.93 11.40
N GLU B 233 -7.00 34.39 12.62
N GLU B 233 -7.05 34.45 12.59
CA GLU B 233 -7.68 33.55 13.64
CA GLU B 233 -7.71 33.68 13.68
C GLU B 233 -9.20 33.61 13.49
C GLU B 233 -9.22 33.54 13.43
N GLY B 234 -9.76 34.25 12.45
CA GLY B 234 -11.20 34.20 12.17
C GLY B 234 -11.51 34.74 10.80
N TRP B 235 -12.69 34.48 10.31
CA TRP B 235 -13.17 34.98 9.01
C TRP B 235 -13.04 36.49 8.95
N ASN B 236 -13.52 37.20 9.96
CA ASN B 236 -13.54 38.69 9.93
CA ASN B 236 -13.54 38.69 9.94
C ASN B 236 -12.10 39.20 9.84
N SER B 237 -11.22 38.63 10.64
CA SER B 237 -9.80 39.06 10.68
C SER B 237 -9.15 38.85 9.30
N GLN B 238 -9.35 37.68 8.69
CA GLN B 238 -8.76 37.43 7.35
C GLN B 238 -9.40 38.35 6.30
N ALA B 239 -10.71 38.56 6.36
CA ALA B 239 -11.43 39.39 5.39
C ALA B 239 -10.84 40.82 5.43
N GLY B 240 -10.41 41.28 6.60
CA GLY B 240 -9.84 42.62 6.75
C GLY B 240 -8.48 42.73 6.06
N MET B 241 -7.86 41.62 5.67
CA MET B 241 -6.55 41.64 5.02
C MET B 241 -6.70 41.61 3.50
N LEU B 242 -7.87 41.25 2.99
CA LEU B 242 -8.00 40.99 1.55
C LEU B 242 -7.76 42.27 0.70
N GLY B 243 -8.06 43.45 1.20
CA GLY B 243 -7.85 44.67 0.40
C GLY B 243 -6.38 44.82 0.03
N ALA B 244 -5.50 44.73 1.00
CA ALA B 244 -4.05 44.85 0.78
C ALA B 244 -3.55 43.65 -0.02
N LEU B 245 -4.14 42.47 0.15
CA LEU B 245 -3.67 41.29 -0.62
C LEU B 245 -4.10 41.41 -2.08
N SER B 246 -5.10 42.23 -2.37
CA SER B 246 -5.70 42.21 -3.72
C SER B 246 -4.68 42.64 -4.80
N SER B 247 -3.66 43.41 -4.43
CA SER B 247 -2.64 43.80 -5.44
C SER B 247 -1.78 42.63 -5.86
N VAL B 248 -1.75 41.53 -5.09
CA VAL B 248 -0.89 40.35 -5.39
C VAL B 248 -1.77 39.13 -5.62
N ASN B 249 -3.01 39.32 -6.06
CA ASN B 249 -3.90 38.16 -6.34
C ASN B 249 -3.32 37.30 -7.47
N SER B 250 -2.46 37.84 -8.33
CA SER B 250 -1.76 37.07 -9.40
C SER B 250 -0.63 36.20 -8.85
N MET B 251 -0.27 36.31 -7.58
CA MET B 251 0.99 35.70 -7.05
CA MET B 251 0.98 35.72 -7.04
C MET B 251 0.69 34.79 -5.85
N PHE B 252 -0.57 34.66 -5.44
CA PHE B 252 -0.94 33.63 -4.46
C PHE B 252 -2.30 33.07 -4.88
N GLY B 253 -2.69 31.92 -4.35
CA GLY B 253 -3.85 31.21 -4.88
C GLY B 253 -4.73 30.58 -3.83
N LEU B 254 -4.53 30.87 -2.55
CA LEU B 254 -5.36 30.28 -1.48
C LEU B 254 -5.49 31.27 -0.34
N VAL B 255 -6.74 31.52 0.07
CA VAL B 255 -7.00 32.28 1.31
C VAL B 255 -7.29 31.31 2.45
N THR B 256 -6.68 31.51 3.60
CA THR B 256 -6.80 30.60 4.77
C THR B 256 -7.21 31.42 5.99
N ALA B 257 -8.04 30.84 6.85
CA ALA B 257 -8.43 31.47 8.10
C ALA B 257 -8.94 30.40 9.05
N HIS B 258 -8.90 30.73 10.33
CA HIS B 258 -9.37 29.85 11.42
C HIS B 258 -10.80 30.21 11.81
N ALA B 259 -11.31 29.51 12.80
CA ALA B 259 -12.68 29.74 13.32
C ALA B 259 -12.61 30.00 14.81
N TYR B 260 -11.77 30.93 15.25
CA TYR B 260 -11.60 31.24 16.70
C TYR B 260 -12.20 32.60 17.01
N THR B 261 -11.75 33.68 16.37
CA THR B 261 -12.16 35.06 16.77
C THR B 261 -13.46 35.47 16.04
N SER B 262 -13.86 34.71 15.03
CA SER B 262 -15.17 34.83 14.38
C SER B 262 -15.41 33.54 13.61
N GLN B 263 -16.66 33.29 13.27
CA GLN B 263 -17.04 32.04 12.60
C GLN B 263 -17.12 32.25 11.10
N PRO B 264 -16.96 31.16 10.34
CA PRO B 264 -17.06 31.18 8.88
C PRO B 264 -18.51 31.23 8.40
N GLY B 265 -19.15 32.41 8.49
CA GLY B 265 -20.61 32.56 8.27
C GLY B 265 -20.98 33.47 7.11
N PHE B 266 -20.00 33.95 6.35
CA PHE B 266 -20.25 34.76 5.14
C PHE B 266 -19.22 34.39 4.10
N SER B 267 -19.49 34.72 2.84
CA SER B 267 -18.52 34.51 1.74
C SER B 267 -17.52 35.65 1.70
N MET B 268 -16.23 35.35 1.83
CA MET B 268 -15.19 36.39 1.66
C MET B 268 -15.17 36.88 0.21
N ASN B 269 -14.83 38.15 0.03
CA ASN B 269 -14.67 38.80 -1.29
C ASN B 269 -13.23 38.61 -1.77
N THR B 270 -12.93 37.43 -2.35
CA THR B 270 -11.59 37.07 -2.88
C THR B 270 -11.87 36.19 -4.08
N PRO B 271 -11.02 36.20 -5.13
CA PRO B 271 -11.18 35.29 -6.25
C PRO B 271 -10.72 33.86 -5.94
N HIS B 272 -10.00 33.69 -4.84
CA HIS B 272 -9.31 32.41 -4.52
C HIS B 272 -10.25 31.52 -3.71
N PRO B 273 -9.99 30.20 -3.76
CA PRO B 273 -10.63 29.32 -2.81
C PRO B 273 -10.24 29.78 -1.41
N VAL B 274 -11.12 29.47 -0.47
CA VAL B 274 -10.97 29.83 0.96
C VAL B 274 -11.03 28.54 1.78
N TRP B 275 -10.00 28.32 2.58
CA TRP B 275 -9.95 27.15 3.48
C TRP B 275 -10.10 27.61 4.90
N MET B 276 -10.93 26.90 5.65
CA MET B 276 -10.96 27.00 7.11
C MET B 276 -9.91 26.03 7.65
N THR B 277 -8.76 26.52 8.06
CA THR B 277 -7.56 25.67 8.30
C THR B 277 -7.38 25.29 9.77
N ALA B 278 -8.18 25.80 10.70
CA ALA B 278 -8.11 25.34 12.09
C ALA B 278 -9.36 25.74 12.84
N ALA B 279 -10.03 24.76 13.44
CA ALA B 279 -11.16 24.97 14.37
C ALA B 279 -11.10 23.85 15.39
N ALA B 280 -11.60 24.11 16.59
CA ALA B 280 -11.64 23.12 17.68
C ALA B 280 -12.36 23.69 18.88
N ASP B 281 -12.87 22.80 19.73
CA ASP B 281 -13.30 23.16 21.11
C ASP B 281 -12.07 23.12 22.01
N LEU B 282 -11.24 24.15 22.00
CA LEU B 282 -9.85 24.01 22.50
C LEU B 282 -9.80 23.70 23.99
N GLN B 283 -10.72 24.25 24.78
CA GLN B 283 -10.68 24.16 26.26
C GLN B 283 -11.82 23.27 26.78
N GLY B 284 -12.71 22.76 25.92
CA GLY B 284 -13.84 21.93 26.37
C GLY B 284 -13.39 20.58 26.90
N ALA B 285 -13.96 20.14 28.04
CA ALA B 285 -13.61 18.82 28.60
C ALA B 285 -13.83 17.75 27.55
N TRP B 286 -12.91 16.82 27.41
CA TRP B 286 -13.00 15.70 26.44
C TRP B 286 -14.40 15.08 26.44
N THR B 287 -15.02 14.95 25.26
CA THR B 287 -16.14 14.02 25.02
C THR B 287 -15.91 13.27 23.71
N SER B 288 -16.24 11.98 23.68
CA SER B 288 -16.28 11.16 22.45
C SER B 288 -17.71 11.13 21.87
N ALA B 289 -18.67 11.76 22.52
CA ALA B 289 -20.11 11.60 22.16
C ALA B 289 -20.43 12.27 20.82
N TRP B 290 -21.36 11.67 20.07
CA TRP B 290 -22.03 12.28 18.89
C TRP B 290 -23.09 13.27 19.35
N TYR B 291 -24.06 12.83 20.13
CA TYR B 291 -25.11 13.75 20.62
C TYR B 291 -25.55 13.31 22.02
N SER B 292 -25.52 14.26 22.94
CA SER B 292 -26.04 14.12 24.32
C SER B 292 -26.99 15.30 24.58
N TYR B 293 -26.52 16.54 24.48
CA TYR B 293 -27.40 17.73 24.58
C TYR B 293 -26.92 18.88 23.68
N GLY B 294 -26.10 18.59 22.67
CA GLY B 294 -25.68 19.63 21.70
C GLY B 294 -24.59 20.55 22.23
N GLY B 295 -23.76 20.08 23.16
CA GLY B 295 -22.59 20.82 23.66
C GLY B 295 -21.52 21.02 22.58
N ALA B 296 -20.56 21.89 22.86
CA ALA B 296 -19.59 22.43 21.87
C ALA B 296 -18.66 21.32 21.39
N GLY B 297 -18.46 20.24 22.16
CA GLY B 297 -17.51 19.16 21.78
C GLY B 297 -18.16 18.00 21.06
N GLU B 298 -19.48 17.98 20.98
CA GLU B 298 -20.20 16.78 20.47
C GLU B 298 -20.01 16.65 18.94
N GLY B 299 -19.88 15.41 18.47
CA GLY B 299 -19.79 15.11 17.03
C GLY B 299 -20.86 15.84 16.25
N TRP B 300 -22.12 15.82 16.72
CA TRP B 300 -23.28 16.44 16.02
C TRP B 300 -23.01 17.94 15.80
N THR B 301 -22.47 18.59 16.81
CA THR B 301 -22.14 20.05 16.78
C THR B 301 -21.13 20.29 15.65
N TRP B 302 -20.15 19.41 15.55
CA TRP B 302 -19.05 19.53 14.55
C TRP B 302 -19.52 19.21 13.13
N ALA B 303 -20.41 18.23 12.93
CA ALA B 303 -20.99 17.98 11.59
C ALA B 303 -21.69 19.26 11.10
N ASN B 304 -22.42 19.94 11.98
CA ASN B 304 -23.13 21.20 11.65
C ASN B 304 -22.16 22.37 11.48
N ASN B 305 -21.07 22.40 12.23
CA ASN B 305 -20.01 23.43 12.05
C ASN B 305 -19.44 23.33 10.65
N VAL B 306 -19.18 22.11 10.20
CA VAL B 306 -18.65 21.91 8.83
C VAL B 306 -19.70 22.38 7.84
N TYR B 307 -20.96 21.99 8.03
CA TYR B 307 -22.07 22.39 7.13
C TYR B 307 -22.06 23.92 7.01
N ASN B 308 -21.99 24.61 8.15
CA ASN B 308 -22.10 26.10 8.15
C ASN B 308 -20.91 26.69 7.39
N ALA B 309 -19.73 26.16 7.61
CA ALA B 309 -18.50 26.69 6.98
C ALA B 309 -18.61 26.54 5.47
N ILE B 310 -19.10 25.39 4.99
CA ILE B 310 -19.25 25.16 3.54
C ILE B 310 -20.40 26.00 2.96
N VAL B 311 -21.60 25.94 3.54
CA VAL B 311 -22.81 26.52 2.92
C VAL B 311 -22.86 28.04 3.15
N ASN B 312 -22.49 28.49 4.34
CA ASN B 312 -22.60 29.91 4.75
C ASN B 312 -21.24 30.60 4.60
N GLY B 313 -20.15 29.92 4.92
CA GLY B 313 -18.79 30.51 4.86
C GLY B 313 -18.17 30.38 3.49
N ASN B 314 -18.78 29.61 2.59
CA ASN B 314 -18.23 29.35 1.24
C ASN B 314 -16.83 28.73 1.31
N ALA B 315 -16.55 27.95 2.35
CA ALA B 315 -15.24 27.25 2.47
C ALA B 315 -15.11 26.16 1.42
N SER B 316 -13.92 26.03 0.86
CA SER B 316 -13.52 24.90 -0.02
C SER B 316 -12.82 23.79 0.77
N ALA B 317 -12.45 24.00 2.02
CA ALA B 317 -11.82 22.96 2.84
C ALA B 317 -12.10 23.26 4.28
N TYR B 318 -12.03 22.22 5.10
CA TYR B 318 -12.28 22.34 6.55
C TYR B 318 -11.29 21.46 7.27
N LEU B 319 -10.48 22.07 8.14
N LEU B 319 -10.40 22.07 8.03
CA LEU B 319 -9.42 21.37 8.91
CA LEU B 319 -9.43 21.33 8.88
C LEU B 319 -9.65 21.54 10.40
C LEU B 319 -9.82 21.54 10.35
N TYR B 320 -9.92 20.45 11.11
CA TYR B 320 -9.87 20.49 12.59
C TYR B 320 -8.43 20.81 12.99
N TRP B 321 -8.24 21.45 14.14
CA TRP B 321 -6.89 21.87 14.58
C TRP B 321 -5.89 20.68 14.59
N ILE B 322 -6.10 19.70 15.46
CA ILE B 322 -5.17 18.53 15.59
C ILE B 322 -5.95 17.22 15.45
N GLY B 323 -5.32 16.22 14.83
CA GLY B 323 -5.93 14.89 14.66
C GLY B 323 -5.83 14.13 15.97
N ALA B 324 -4.67 13.52 16.18
CA ALA B 324 -4.34 12.69 17.35
C ALA B 324 -3.36 13.43 18.25
N GLN B 325 -3.65 13.40 19.54
CA GLN B 325 -2.69 13.86 20.57
C GLN B 325 -3.15 13.33 21.93
N THR B 326 -2.28 13.44 22.93
CA THR B 326 -2.64 13.22 24.34
C THR B 326 -3.42 14.44 24.85
N GLY B 327 -3.98 14.35 26.05
CA GLY B 327 -4.67 15.45 26.73
C GLY B 327 -6.15 15.15 26.83
N ASN B 328 -6.87 15.96 27.61
CA ASN B 328 -8.29 15.67 27.93
C ASN B 328 -9.16 16.91 27.62
N THR B 329 -8.79 17.71 26.63
CA THR B 329 -9.69 18.75 26.05
C THR B 329 -10.02 18.39 24.60
N ASN B 330 -11.04 19.03 24.02
CA ASN B 330 -11.48 18.76 22.63
C ASN B 330 -10.66 19.57 21.62
N SER B 331 -9.39 19.84 21.91
CA SER B 331 -8.48 20.51 20.93
C SER B 331 -8.19 19.56 19.77
N HIS B 332 -8.52 18.28 19.93
CA HIS B 332 -8.12 17.23 18.97
C HIS B 332 -9.29 16.28 18.76
N MET B 333 -9.21 15.46 17.71
CA MET B 333 -10.29 14.55 17.29
C MET B 333 -10.07 13.13 17.82
N VAL B 334 -8.82 12.74 18.05
CA VAL B 334 -8.44 11.32 18.36
C VAL B 334 -7.63 11.32 19.66
N HIS B 335 -8.12 10.64 20.69
CA HIS B 335 -7.40 10.66 21.99
C HIS B 335 -6.32 9.58 21.99
N ILE B 336 -5.08 9.96 22.30
CA ILE B 336 -3.97 8.99 22.55
C ILE B 336 -3.91 8.77 24.05
N ASP B 337 -3.98 7.51 24.50
CA ASP B 337 -3.60 7.12 25.88
C ASP B 337 -2.18 6.56 25.81
N ALA B 338 -1.19 7.40 26.14
CA ALA B 338 0.25 7.09 25.99
C ALA B 338 0.60 5.86 26.84
N ASN B 339 -0.01 5.69 28.02
CA ASN B 339 0.34 4.59 28.96
C ASN B 339 -0.18 3.26 28.40
N ALA B 340 -1.46 3.18 28.05
CA ALA B 340 -2.10 1.98 27.45
C ALA B 340 -1.56 1.74 26.04
N GLY B 341 -1.13 2.80 25.34
CA GLY B 341 -0.65 2.71 23.95
C GLY B 341 -1.83 2.54 23.00
N THR B 342 -2.99 3.08 23.40
CA THR B 342 -4.28 2.99 22.68
C THR B 342 -4.67 4.34 22.08
N VAL B 343 -5.65 4.29 21.18
CA VAL B 343 -6.13 5.42 20.35
C VAL B 343 -7.65 5.36 20.34
N GLU B 344 -8.33 6.46 20.71
CA GLU B 344 -9.81 6.54 20.84
C GLU B 344 -10.31 7.66 19.92
N PRO B 345 -10.85 7.36 18.73
CA PRO B 345 -11.52 8.39 17.94
C PRO B 345 -12.78 8.91 18.64
N SER B 346 -12.91 10.23 18.72
CA SER B 346 -14.16 10.95 19.11
C SER B 346 -15.18 10.93 17.96
N LYS B 347 -16.44 11.22 18.23
CA LYS B 347 -17.45 11.34 17.15
C LYS B 347 -17.19 12.63 16.36
N ARG B 348 -16.31 13.53 16.84
CA ARG B 348 -15.80 14.66 16.01
C ARG B 348 -14.98 14.12 14.82
N LEU B 349 -14.13 13.13 15.05
CA LEU B 349 -13.38 12.49 13.93
C LEU B 349 -14.41 11.94 12.93
N TRP B 350 -15.41 11.21 13.41
CA TRP B 350 -16.40 10.58 12.50
C TRP B 350 -17.27 11.65 11.86
N ALA B 351 -17.56 12.77 12.53
CA ALA B 351 -18.28 13.90 11.89
C ALA B 351 -17.51 14.39 10.66
N LEU B 352 -16.21 14.65 10.84
CA LEU B 352 -15.39 15.16 9.72
C LEU B 352 -15.27 14.08 8.63
N GLY B 353 -15.16 12.81 9.03
CA GLY B 353 -15.09 11.66 8.10
C GLY B 353 -16.40 11.46 7.34
N GLN B 354 -17.56 11.73 7.97
CA GLN B 354 -18.88 11.58 7.33
C GLN B 354 -18.97 12.54 6.13
N TRP B 355 -18.22 13.65 6.20
CA TRP B 355 -18.02 14.56 5.06
C TRP B 355 -16.95 14.00 4.13
N SER B 356 -15.76 13.77 4.66
CA SER B 356 -14.54 13.62 3.82
C SER B 356 -14.55 12.29 3.05
N ARG B 357 -15.16 11.26 3.60
CA ARG B 357 -15.16 9.94 2.92
C ARG B 357 -15.86 10.06 1.56
N PHE B 358 -16.85 10.94 1.41
CA PHE B 358 -17.77 10.93 0.24
C PHE B 358 -17.62 12.19 -0.60
N VAL B 359 -17.14 13.28 0.00
CA VAL B 359 -16.92 14.56 -0.73
C VAL B 359 -15.42 14.65 -0.92
N ARG B 360 -14.94 14.13 -2.05
CA ARG B 360 -13.50 13.99 -2.31
C ARG B 360 -12.95 15.24 -2.99
N PRO B 361 -11.63 15.46 -2.90
CA PRO B 361 -11.01 16.62 -3.53
C PRO B 361 -11.45 16.75 -5.00
N GLY B 362 -11.79 17.97 -5.37
CA GLY B 362 -12.22 18.32 -6.74
C GLY B 362 -13.73 18.27 -6.92
N ALA B 363 -14.47 17.91 -5.89
CA ALA B 363 -15.95 17.87 -5.97
C ALA B 363 -16.48 19.30 -6.15
N ARG B 364 -17.60 19.47 -6.83
CA ARG B 364 -18.25 20.79 -7.01
C ARG B 364 -19.55 20.77 -6.21
N ARG B 365 -19.74 21.74 -5.30
CA ARG B 365 -21.01 21.83 -4.57
C ARG B 365 -22.10 22.21 -5.58
N VAL B 366 -23.26 21.58 -5.46
CA VAL B 366 -24.38 21.75 -6.42
C VAL B 366 -25.66 21.93 -5.61
N ALA B 367 -26.69 22.46 -6.24
CA ALA B 367 -27.96 22.74 -5.57
C ALA B 367 -28.70 21.44 -5.27
N VAL B 368 -29.35 21.37 -4.11
CA VAL B 368 -30.32 20.30 -3.77
C VAL B 368 -31.55 20.94 -3.11
N SER B 369 -32.74 20.52 -3.51
CA SER B 369 -34.04 21.09 -3.07
C SER B 369 -34.93 19.96 -2.55
N GLY B 370 -35.91 20.32 -1.72
CA GLY B 370 -36.95 19.39 -1.26
C GLY B 370 -36.92 19.13 0.23
N ALA B 371 -35.87 19.56 0.94
CA ALA B 371 -35.66 19.27 2.38
C ALA B 371 -36.81 19.86 3.21
N SER B 372 -37.21 19.14 4.28
CA SER B 372 -38.22 19.55 5.30
C SER B 372 -37.54 20.28 6.47
N GLY B 373 -38.32 20.70 7.46
CA GLY B 373 -37.88 21.50 8.63
C GLY B 373 -36.77 20.83 9.43
N SER B 374 -36.76 19.50 9.54
CA SER B 374 -35.81 18.72 10.38
C SER B 374 -34.53 18.36 9.62
N LEU B 375 -34.50 18.59 8.30
CA LEU B 375 -33.38 18.18 7.41
C LEU B 375 -32.63 19.42 6.94
N ARG B 376 -31.31 19.44 7.11
CA ARG B 376 -30.38 20.39 6.43
C ARG B 376 -29.58 19.56 5.44
N THR B 377 -29.53 20.01 4.19
CA THR B 377 -29.01 19.22 3.05
C THR B 377 -28.01 20.05 2.26
N ALA B 378 -27.08 19.36 1.64
CA ALA B 378 -26.10 19.90 0.69
C ALA B 378 -25.73 18.77 -0.24
N ALA B 379 -25.22 19.10 -1.41
CA ALA B 379 -24.95 18.08 -2.45
C ALA B 379 -23.68 18.46 -3.17
N PHE B 380 -22.96 17.46 -3.62
CA PHE B 380 -21.63 17.61 -4.24
C PHE B 380 -21.50 16.61 -5.38
N ARG B 381 -20.97 17.04 -6.51
CA ARG B 381 -20.63 16.14 -7.61
C ARG B 381 -19.12 15.94 -7.61
N ASN B 382 -18.67 14.72 -7.35
CA ASN B 382 -17.24 14.36 -7.40
C ASN B 382 -16.74 14.32 -8.84
N GLU B 383 -15.42 14.40 -9.01
CA GLU B 383 -14.78 14.33 -10.33
C GLU B 383 -15.13 13.01 -11.01
N ASP B 384 -15.34 11.93 -10.27
CA ASP B 384 -15.69 10.60 -10.88
C ASP B 384 -17.18 10.53 -11.25
N GLY B 385 -17.95 11.63 -11.09
CA GLY B 385 -19.40 11.64 -11.40
C GLY B 385 -20.27 11.12 -10.26
N SER B 386 -19.70 10.60 -9.16
CA SER B 386 -20.51 10.20 -7.98
C SER B 386 -21.11 11.48 -7.38
N VAL B 387 -22.38 11.44 -6.95
CA VAL B 387 -23.08 12.59 -6.36
C VAL B 387 -23.37 12.23 -4.92
N ALA B 388 -22.78 12.98 -3.98
CA ALA B 388 -22.91 12.80 -2.53
C ALA B 388 -23.91 13.82 -2.03
N VAL B 389 -24.96 13.35 -1.37
CA VAL B 389 -25.98 14.23 -0.74
C VAL B 389 -25.87 14.02 0.75
N VAL B 390 -25.57 15.11 1.42
CA VAL B 390 -25.49 15.18 2.90
C VAL B 390 -26.89 15.51 3.41
N VAL B 391 -27.32 14.75 4.40
CA VAL B 391 -28.61 14.97 5.09
C VAL B 391 -28.28 14.98 6.58
N ILE B 392 -28.42 16.14 7.21
CA ILE B 392 -28.27 16.26 8.68
C ILE B 392 -29.70 16.29 9.27
N ASN B 393 -30.04 15.25 10.05
CA ASN B 393 -31.44 15.02 10.50
C ASN B 393 -31.51 15.29 12.00
N SER B 394 -32.14 16.39 12.40
CA SER B 394 -32.33 16.78 13.83
C SER B 394 -33.57 16.09 14.42
N GLY B 395 -34.46 15.55 13.59
CA GLY B 395 -35.70 14.87 14.04
C GLY B 395 -35.55 13.37 14.19
N GLY B 396 -36.67 12.64 14.22
CA GLY B 396 -36.71 11.17 14.29
C GLY B 396 -36.34 10.57 12.94
N ASP B 397 -36.31 9.24 12.84
CA ASP B 397 -36.05 8.52 11.57
C ASP B 397 -36.90 9.14 10.46
N ALA B 398 -36.32 9.34 9.29
CA ALA B 398 -37.00 9.96 8.13
C ALA B 398 -36.63 9.18 6.87
N ALA B 399 -37.65 8.70 6.15
CA ALA B 399 -37.52 8.14 4.79
C ALA B 399 -37.22 9.27 3.83
N VAL B 400 -36.13 9.11 3.09
CA VAL B 400 -35.68 10.13 2.10
C VAL B 400 -35.41 9.42 0.77
N ASN B 401 -35.96 9.98 -0.30
CA ASN B 401 -35.63 9.64 -1.70
C ASN B 401 -34.61 10.67 -2.19
N VAL B 402 -33.57 10.21 -2.87
CA VAL B 402 -32.52 11.10 -3.44
C VAL B 402 -32.45 10.83 -4.94
N ARG B 403 -32.58 11.88 -5.75
CA ARG B 403 -32.63 11.76 -7.22
C ARG B 403 -31.94 12.99 -7.80
N LEU B 404 -31.55 12.90 -9.07
CA LEU B 404 -31.16 14.07 -9.90
C LEU B 404 -32.42 14.68 -10.54
N ALA B 405 -32.34 15.96 -10.91
CA ALA B 405 -33.41 16.69 -11.61
C ALA B 405 -33.62 16.12 -13.02
N PRO B 414 -27.49 7.96 -12.28
CA PRO B 414 -26.94 6.86 -11.48
C PRO B 414 -27.40 5.46 -11.91
N ALA B 415 -26.52 4.46 -11.75
CA ALA B 415 -26.78 3.01 -11.97
C ALA B 415 -26.79 2.26 -10.63
N SER B 416 -26.29 2.88 -9.57
N SER B 416 -26.31 2.90 -9.57
CA SER B 416 -26.28 2.30 -8.21
CA SER B 416 -26.23 2.33 -8.21
C SER B 416 -26.21 3.42 -7.16
C SER B 416 -26.24 3.45 -7.16
N ALA B 417 -26.50 3.07 -5.92
CA ALA B 417 -26.45 3.98 -4.75
C ALA B 417 -26.03 3.19 -3.51
N LYS B 418 -25.27 3.86 -2.64
CA LYS B 418 -24.97 3.42 -1.27
C LYS B 418 -25.23 4.58 -0.32
N ALA B 419 -25.25 4.29 0.96
CA ALA B 419 -25.45 5.32 2.01
C ALA B 419 -24.77 4.87 3.28
N TRP B 420 -24.30 5.87 4.01
CA TRP B 420 -23.58 5.69 5.29
C TRP B 420 -24.15 6.72 6.25
N ALA B 421 -24.12 6.40 7.54
CA ALA B 421 -24.63 7.32 8.57
C ALA B 421 -23.72 7.29 9.79
N THR B 422 -23.65 8.44 10.45
CA THR B 422 -22.99 8.60 11.74
C THR B 422 -24.02 9.12 12.73
N ASP B 423 -24.13 8.48 13.88
CA ASP B 423 -25.06 8.89 14.97
C ASP B 423 -24.43 8.33 16.25
N ASN B 424 -25.21 8.18 17.32
CA ASN B 424 -24.66 7.68 18.61
C ASN B 424 -24.23 6.22 18.52
N SER B 425 -24.77 5.45 17.57
CA SER B 425 -24.55 3.98 17.45
C SER B 425 -23.63 3.64 16.27
N ARG B 426 -23.37 4.58 15.36
CA ARG B 426 -22.78 4.30 14.02
C ARG B 426 -21.63 5.26 13.77
N ALA B 427 -20.49 4.74 13.30
CA ALA B 427 -19.32 5.56 12.88
C ALA B 427 -19.10 5.35 11.38
N ILE B 428 -19.65 6.24 10.56
CA ILE B 428 -19.69 6.10 9.07
C ILE B 428 -19.99 4.64 8.72
N GLU B 429 -21.16 4.18 9.18
CA GLU B 429 -21.64 2.79 8.99
C GLU B 429 -22.56 2.72 7.77
N GLU B 430 -22.29 1.77 6.87
CA GLU B 430 -23.12 1.59 5.65
C GLU B 430 -24.52 1.22 6.13
N ILE B 431 -25.53 1.90 5.59
CA ILE B 431 -26.96 1.57 5.83
C ILE B 431 -27.57 1.13 4.49
N GLN B 432 -28.78 0.57 4.53
CA GLN B 432 -29.51 0.10 3.32
C GLN B 432 -29.84 1.31 2.43
N ALA B 433 -29.50 1.19 1.15
CA ALA B 433 -29.95 2.10 0.07
C ALA B 433 -30.72 1.31 -1.01
N SER B 434 -32.06 1.38 -0.98
CA SER B 434 -32.96 0.91 -2.07
C SER B 434 -32.78 1.81 -3.29
N PHE B 435 -32.64 1.22 -4.48
CA PHE B 435 -32.40 1.92 -5.75
C PHE B 435 -33.39 1.44 -6.81
N ALA B 436 -34.29 2.32 -7.25
CA ALA B 436 -35.28 2.05 -8.33
C ALA B 436 -35.34 3.24 -9.29
N ASP B 437 -34.99 3.01 -10.56
CA ASP B 437 -35.10 3.94 -11.71
C ASP B 437 -34.47 5.31 -11.35
N GLY B 438 -33.19 5.31 -10.97
CA GLY B 438 -32.42 6.53 -10.70
C GLY B 438 -32.69 7.14 -9.33
N VAL B 439 -33.56 6.52 -8.51
CA VAL B 439 -33.92 7.05 -7.18
C VAL B 439 -33.37 6.11 -6.10
N ALA B 440 -32.64 6.68 -5.14
CA ALA B 440 -32.14 6.00 -3.93
C ALA B 440 -33.11 6.30 -2.79
N THR B 441 -33.56 5.29 -2.07
CA THR B 441 -34.46 5.45 -0.91
C THR B 441 -33.73 4.93 0.31
N VAL B 442 -33.63 5.79 1.32
CA VAL B 442 -32.85 5.51 2.56
C VAL B 442 -33.68 5.98 3.75
N ASN B 443 -33.59 5.25 4.86
CA ASN B 443 -34.17 5.67 6.15
C ASN B 443 -33.05 6.39 6.92
N VAL B 444 -33.10 7.72 6.97
CA VAL B 444 -32.06 8.56 7.63
C VAL B 444 -32.28 8.45 9.12
N PRO B 445 -31.32 7.87 9.88
CA PRO B 445 -31.48 7.72 11.32
C PRO B 445 -31.76 9.05 12.02
N SER B 446 -32.50 9.00 13.13
N SER B 446 -32.51 9.00 13.11
CA SER B 446 -32.77 10.15 14.01
CA SER B 446 -32.77 10.14 14.01
C SER B 446 -31.44 10.77 14.44
C SER B 446 -31.44 10.77 14.44
N ARG B 447 -31.37 12.11 14.48
CA ARG B 447 -30.21 12.84 15.04
C ARG B 447 -28.91 12.31 14.42
N SER B 448 -28.88 12.18 13.09
CA SER B 448 -27.73 11.61 12.35
C SER B 448 -27.22 12.61 11.33
N MET B 449 -26.03 12.36 10.84
CA MET B 449 -25.59 12.82 9.52
C MET B 449 -25.52 11.61 8.61
N THR B 450 -26.34 11.61 7.57
CA THR B 450 -26.36 10.55 6.55
C THR B 450 -25.85 11.13 5.24
N THR B 451 -25.00 10.39 4.55
CA THR B 451 -24.55 10.72 3.18
C THR B 451 -25.05 9.63 2.24
N VAL B 452 -25.83 10.02 1.25
CA VAL B 452 -26.34 9.13 0.18
C VAL B 452 -25.52 9.41 -1.08
N VAL B 453 -24.96 8.37 -1.67
CA VAL B 453 -24.11 8.54 -2.88
C VAL B 453 -24.77 7.83 -4.06
N LEU B 454 -24.99 8.58 -5.12
CA LEU B 454 -25.50 8.08 -6.42
C LEU B 454 -24.32 7.89 -7.35
N TYR B 455 -24.14 6.69 -7.90
CA TYR B 455 -22.97 6.35 -8.73
C TYR B 455 -23.42 6.01 -10.15
N PRO B 456 -22.87 6.69 -11.18
CA PRO B 456 -22.91 6.14 -12.54
C PRO B 456 -22.18 4.79 -12.58
#